data_3OU6
#
_entry.id   3OU6
#
_cell.length_a   166.428
_cell.length_b   166.428
_cell.length_c   168.076
_cell.angle_alpha   90.00
_cell.angle_beta   90.00
_cell.angle_gamma   120.00
#
_symmetry.space_group_name_H-M   'P 61 2 2'
#
loop_
_entity.id
_entity.type
_entity.pdbx_description
1 polymer 'SAM-dependent methyltransferase'
2 non-polymer S-ADENOSYLMETHIONINE
3 non-polymer 'SULFATE ION'
4 water water
#
_entity_poly.entity_id   1
_entity_poly.type   'polypeptide(L)'
_entity_poly.pdbx_seq_one_letter_code
;MTTSHGLIESQLSYYRARASEYDATFVPYMDSAAPAALERLRAGNIRGDVLELASGTGYWTRHLSGLADRVTALDGSAEM
IAEAGRHGLDNVEFRQQDLFDWTPDRQWDAVFFAHWLAHVPDDRFEAFWESVRSAVAPGGVVEFVDVTDHERRLEQQDDS
EPEVAVRRTLQDGRSFRIVKVFRSPAELTERLTALGWSCSVDEVHPGFLYATCRPGPR
;
_entity_poly.pdbx_strand_id   A,B,C,D
#
loop_
_chem_comp.id
_chem_comp.type
_chem_comp.name
_chem_comp.formula
SAM non-polymer S-ADENOSYLMETHIONINE 'C15 H22 N6 O5 S'
SO4 non-polymer 'SULFATE ION' 'O4 S -2'
#
# COMPACT_ATOMS: atom_id res chain seq x y z
N THR A 3 -14.67 8.47 -22.83
CA THR A 3 -15.69 9.29 -22.12
C THR A 3 -16.33 10.37 -23.01
N SER A 4 -17.63 10.23 -23.26
CA SER A 4 -18.34 11.15 -24.17
C SER A 4 -18.44 12.55 -23.61
N HIS A 5 -18.58 13.53 -24.51
CA HIS A 5 -18.80 14.92 -24.09
C HIS A 5 -20.12 15.08 -23.34
N GLY A 6 -21.06 14.18 -23.60
CA GLY A 6 -22.38 14.22 -22.97
C GLY A 6 -22.37 13.95 -21.47
N LEU A 7 -21.53 13.00 -21.04
CA LEU A 7 -21.28 12.79 -19.59
C LEU A 7 -20.66 14.02 -18.94
N ILE A 8 -19.65 14.60 -19.57
CA ILE A 8 -19.02 15.82 -19.06
C ILE A 8 -20.05 16.95 -18.89
N GLU A 9 -20.91 17.14 -19.90
CA GLU A 9 -21.93 18.19 -19.86
C GLU A 9 -22.97 17.90 -18.78
N SER A 10 -23.40 16.64 -18.72
CA SER A 10 -24.35 16.17 -17.73
C SER A 10 -23.82 16.45 -16.33
N GLN A 11 -22.53 16.11 -16.10
CA GLN A 11 -21.92 16.38 -14.80
C GLN A 11 -21.93 17.86 -14.44
N LEU A 12 -21.53 18.72 -15.37
CA LEU A 12 -21.59 20.15 -15.09
C LEU A 12 -23.02 20.69 -14.87
N SER A 13 -23.99 20.18 -15.64
CA SER A 13 -25.39 20.65 -15.46
C SER A 13 -25.95 20.14 -14.15
N TYR A 14 -25.56 18.94 -13.74
CA TYR A 14 -25.90 18.42 -12.42
C TYR A 14 -25.50 19.40 -11.31
N TYR A 15 -24.25 19.87 -11.34
CA TYR A 15 -23.80 20.77 -10.29
C TYR A 15 -24.44 22.17 -10.39
N ARG A 16 -24.72 22.61 -11.61
CA ARG A 16 -25.41 23.91 -11.82
C ARG A 16 -26.78 23.93 -11.15
N ALA A 17 -27.51 22.86 -11.38
CA ALA A 17 -28.84 22.65 -10.85
C ALA A 17 -28.80 22.38 -9.35
N ARG A 18 -27.73 21.72 -8.88
CA ARG A 18 -27.59 21.37 -7.47
C ARG A 18 -27.16 22.57 -6.63
N ALA A 19 -26.61 23.59 -7.27
CA ALA A 19 -25.94 24.67 -6.56
C ALA A 19 -26.75 25.32 -5.43
N SER A 20 -28.06 25.44 -5.60
CA SER A 20 -28.86 26.07 -4.57
C SER A 20 -29.11 25.16 -3.34
N GLU A 21 -29.26 23.85 -3.57
CA GLU A 21 -29.41 22.87 -2.48
C GLU A 21 -28.08 22.14 -2.09
N TYR A 22 -26.94 22.56 -2.64
CA TYR A 22 -25.69 21.79 -2.49
C TYR A 22 -25.25 21.63 -1.04
N ASP A 23 -25.18 22.75 -0.32
CA ASP A 23 -24.84 22.78 1.09
C ASP A 23 -25.79 22.02 1.98
N ALA A 24 -26.94 21.64 1.44
CA ALA A 24 -27.96 20.87 2.16
C ALA A 24 -27.58 19.40 2.32
N THR A 25 -26.77 18.90 1.40
CA THR A 25 -26.25 17.52 1.51
C THR A 25 -24.72 17.47 1.54
N PHE A 26 -24.07 18.34 0.77
CA PHE A 26 -22.63 18.46 0.74
C PHE A 26 -22.02 17.16 0.23
N VAL A 27 -20.80 16.85 0.62
CA VAL A 27 -20.12 15.64 0.17
C VAL A 27 -20.28 14.63 1.28
N PRO A 28 -20.81 13.44 0.96
CA PRO A 28 -21.05 12.44 2.01
C PRO A 28 -19.78 12.18 2.84
N TYR A 29 -19.95 12.33 4.15
CA TYR A 29 -18.93 12.08 5.17
C TYR A 29 -17.72 12.99 5.19
N MET A 30 -17.69 14.01 4.33
CA MET A 30 -16.61 15.01 4.38
C MET A 30 -16.53 15.66 5.75
N ASP A 31 -17.69 15.87 6.38
CA ASP A 31 -17.74 16.47 7.71
C ASP A 31 -17.08 15.57 8.75
N SER A 32 -17.09 14.25 8.54
CA SER A 32 -16.36 13.33 9.43
C SER A 32 -14.84 13.44 9.27
N ALA A 33 -14.42 13.75 8.04
CA ALA A 33 -13.00 13.65 7.63
C ALA A 33 -12.33 15.01 7.66
N ALA A 34 -13.11 16.06 7.85
CA ALA A 34 -12.58 17.41 7.76
C ALA A 34 -11.42 17.71 8.74
N PRO A 35 -11.56 17.37 10.03
CA PRO A 35 -10.37 17.65 10.89
C PRO A 35 -9.07 16.95 10.44
N ALA A 36 -9.15 15.69 10.05
CA ALA A 36 -8.00 14.99 9.53
C ALA A 36 -7.44 15.71 8.28
N ALA A 37 -8.31 16.09 7.33
CA ALA A 37 -7.88 16.81 6.12
C ALA A 37 -7.29 18.17 6.43
N LEU A 38 -7.84 18.81 7.46
CA LEU A 38 -7.34 20.10 7.91
C LEU A 38 -5.94 20.02 8.53
N GLU A 39 -5.60 18.90 9.16
CA GLU A 39 -4.22 18.75 9.65
C GLU A 39 -3.23 18.92 8.49
N ARG A 40 -3.56 18.36 7.33
CA ARG A 40 -2.74 18.54 6.12
C ARG A 40 -2.85 19.93 5.49
N LEU A 41 -4.07 20.44 5.36
CA LEU A 41 -4.24 21.75 4.75
C LEU A 41 -3.45 22.77 5.55
N ARG A 42 -3.40 22.61 6.86
CA ARG A 42 -2.72 23.60 7.71
C ARG A 42 -1.23 23.32 7.97
N ALA A 43 -0.65 22.41 7.18
CA ALA A 43 0.78 22.09 7.25
C ALA A 43 1.70 23.19 6.66
N GLY A 44 1.11 24.20 6.04
CA GLY A 44 1.85 25.38 5.64
C GLY A 44 2.14 25.57 4.17
N ASN A 45 1.67 24.67 3.31
CA ASN A 45 1.91 24.83 1.87
C ASN A 45 0.89 25.76 1.18
N ILE A 46 -0.28 25.93 1.79
CA ILE A 46 -1.29 26.85 1.28
C ILE A 46 -0.95 28.25 1.78
N ARG A 47 -0.33 29.06 0.91
CA ARG A 47 0.17 30.39 1.27
C ARG A 47 0.39 31.25 0.03
N GLY A 48 0.48 32.57 0.22
CA GLY A 48 0.71 33.49 -0.89
C GLY A 48 -0.50 33.60 -1.80
N ASP A 49 -0.29 33.42 -3.10
CA ASP A 49 -1.40 33.46 -4.06
C ASP A 49 -1.81 32.06 -4.41
N VAL A 50 -2.96 31.63 -3.91
CA VAL A 50 -3.40 30.28 -4.23
C VAL A 50 -4.52 30.26 -5.28
N LEU A 51 -4.49 29.21 -6.09
CA LEU A 51 -5.54 28.94 -7.04
C LEU A 51 -6.40 27.77 -6.52
N GLU A 52 -7.70 27.97 -6.43
CA GLU A 52 -8.64 26.89 -6.14
C GLU A 52 -9.42 26.50 -7.37
N LEU A 53 -9.46 25.19 -7.63
CA LEU A 53 -10.16 24.61 -8.75
C LEU A 53 -11.43 23.95 -8.22
N ALA A 54 -12.51 24.11 -8.97
CA ALA A 54 -13.85 23.62 -8.60
C ALA A 54 -14.32 24.01 -7.19
N SER A 55 -14.21 25.29 -6.87
CA SER A 55 -14.59 25.80 -5.54
C SER A 55 -16.05 25.59 -5.03
N GLY A 56 -16.99 25.28 -5.93
CA GLY A 56 -18.42 25.06 -5.54
C GLY A 56 -18.99 26.18 -4.67
N THR A 57 -19.57 25.83 -3.53
CA THR A 57 -20.11 26.81 -2.61
C THR A 57 -19.07 27.45 -1.68
N GLY A 58 -17.81 27.12 -1.90
CA GLY A 58 -16.72 27.74 -1.13
C GLY A 58 -16.44 27.18 0.26
N TYR A 59 -16.78 25.91 0.50
CA TYR A 59 -16.46 25.30 1.79
C TYR A 59 -14.95 25.39 2.03
N TRP A 60 -14.16 25.00 1.04
CA TRP A 60 -12.70 25.07 1.18
C TRP A 60 -12.14 26.47 0.97
N THR A 61 -12.81 27.26 0.13
CA THR A 61 -12.42 28.65 -0.15
C THR A 61 -12.35 29.44 1.16
N ARG A 62 -13.32 29.21 2.06
CA ARG A 62 -13.28 29.79 3.41
C ARG A 62 -11.94 29.54 4.10
N HIS A 63 -11.47 28.29 4.07
CA HIS A 63 -10.18 27.96 4.67
C HIS A 63 -9.03 28.58 3.91
N LEU A 64 -9.05 28.48 2.57
CA LEU A 64 -7.97 28.99 1.75
C LEU A 64 -7.80 30.48 1.98
N SER A 65 -8.93 31.17 2.09
CA SER A 65 -8.97 32.61 2.36
C SER A 65 -8.22 32.97 3.66
N GLY A 66 -8.43 32.19 4.72
CA GLY A 66 -7.73 32.43 5.98
C GLY A 66 -6.23 32.13 5.95
N LEU A 67 -5.79 31.28 5.03
CA LEU A 67 -4.38 30.87 4.96
C LEU A 67 -3.55 31.64 3.94
N ALA A 68 -4.20 32.16 2.92
CA ALA A 68 -3.51 32.82 1.81
C ALA A 68 -3.56 34.35 1.89
N ASP A 69 -2.78 34.99 1.02
CA ASP A 69 -2.91 36.42 0.76
C ASP A 69 -4.11 36.63 -0.13
N ARG A 70 -4.09 35.99 -1.30
CA ARG A 70 -5.16 36.10 -2.29
C ARG A 70 -5.53 34.72 -2.81
N VAL A 71 -6.84 34.52 -3.04
CA VAL A 71 -7.34 33.30 -3.64
C VAL A 71 -8.06 33.61 -4.94
N THR A 72 -7.68 32.90 -5.98
CA THR A 72 -8.43 32.89 -7.22
C THR A 72 -9.18 31.56 -7.28
N ALA A 73 -10.50 31.62 -7.35
CA ALA A 73 -11.33 30.42 -7.30
C ALA A 73 -12.10 30.24 -8.59
N LEU A 74 -11.89 29.09 -9.24
CA LEU A 74 -12.46 28.74 -10.53
C LEU A 74 -13.53 27.70 -10.35
N ASP A 75 -14.68 27.90 -11.00
CA ASP A 75 -15.76 26.89 -11.06
C ASP A 75 -16.51 26.98 -12.36
N GLY A 76 -17.00 25.83 -12.85
CA GLY A 76 -17.70 25.81 -14.13
C GLY A 76 -19.08 26.46 -14.04
N SER A 77 -19.58 26.64 -12.82
CA SER A 77 -20.96 27.04 -12.62
C SER A 77 -21.07 28.41 -11.95
N ALA A 78 -21.78 29.35 -12.58
CA ALA A 78 -21.94 30.69 -12.02
C ALA A 78 -22.89 30.62 -10.83
N GLU A 79 -23.82 29.67 -10.89
CA GLU A 79 -24.69 29.36 -9.75
C GLU A 79 -23.87 29.02 -8.49
N MET A 80 -22.96 28.05 -8.62
CA MET A 80 -21.97 27.77 -7.56
C MET A 80 -21.23 29.04 -7.15
N ILE A 81 -20.73 29.80 -8.12
CA ILE A 81 -20.06 31.05 -7.79
C ILE A 81 -20.97 32.02 -7.02
N ALA A 82 -22.23 32.15 -7.43
CA ALA A 82 -23.18 32.99 -6.68
C ALA A 82 -23.33 32.54 -5.21
N GLU A 83 -23.49 31.25 -4.97
CA GLU A 83 -23.54 30.72 -3.59
C GLU A 83 -22.28 31.02 -2.78
N ALA A 84 -21.12 30.85 -3.39
CA ALA A 84 -19.85 31.07 -2.72
C ALA A 84 -19.69 32.54 -2.29
N GLY A 85 -20.25 33.47 -3.07
CA GLY A 85 -20.19 34.90 -2.77
C GLY A 85 -20.78 35.31 -1.44
N ARG A 86 -21.72 34.51 -0.92
CA ARG A 86 -22.37 34.77 0.38
C ARG A 86 -21.44 34.67 1.60
N HIS A 87 -20.26 34.08 1.44
CA HIS A 87 -19.30 34.02 2.53
C HIS A 87 -18.61 35.37 2.74
N GLY A 88 -18.75 36.26 1.75
CA GLY A 88 -18.16 37.59 1.79
C GLY A 88 -16.67 37.62 2.09
N LEU A 89 -15.91 36.80 1.36
CA LEU A 89 -14.46 36.70 1.59
C LEU A 89 -13.70 37.77 0.79
N ASP A 90 -13.05 38.67 1.52
CA ASP A 90 -12.37 39.86 0.97
C ASP A 90 -11.21 39.59 0.02
N ASN A 91 -10.50 38.49 0.22
CA ASN A 91 -9.25 38.24 -0.52
C ASN A 91 -9.41 37.21 -1.64
N VAL A 92 -10.67 36.97 -2.00
CA VAL A 92 -11.04 35.93 -2.96
C VAL A 92 -11.70 36.52 -4.20
N GLU A 93 -11.20 36.10 -5.35
CA GLU A 93 -11.76 36.44 -6.63
C GLU A 93 -12.25 35.16 -7.30
N PHE A 94 -13.52 35.16 -7.70
CA PHE A 94 -14.08 34.02 -8.41
C PHE A 94 -14.05 34.25 -9.93
N ARG A 95 -13.91 33.18 -10.70
CA ARG A 95 -13.97 33.24 -12.14
C ARG A 95 -14.68 31.97 -12.59
N GLN A 96 -15.55 32.09 -13.59
CA GLN A 96 -16.19 30.92 -14.18
C GLN A 96 -15.23 30.34 -15.19
N GLN A 97 -14.98 29.03 -15.10
CA GLN A 97 -14.06 28.38 -16.00
C GLN A 97 -14.42 26.92 -16.13
N ASP A 98 -14.56 26.47 -17.37
CA ASP A 98 -14.71 25.07 -17.67
C ASP A 98 -13.32 24.47 -17.61
N LEU A 99 -13.12 23.51 -16.71
CA LEU A 99 -11.79 23.05 -16.40
C LEU A 99 -11.31 22.00 -17.39
N PHE A 100 -12.20 21.51 -18.22
CA PHE A 100 -11.80 20.63 -19.31
C PHE A 100 -11.41 21.39 -20.58
N ASP A 101 -11.43 22.72 -20.51
CA ASP A 101 -11.05 23.56 -21.65
C ASP A 101 -10.34 24.78 -21.10
N TRP A 102 -9.12 24.57 -20.61
CA TRP A 102 -8.48 25.52 -19.71
C TRP A 102 -6.97 25.51 -19.79
N THR A 103 -6.43 26.68 -20.13
CA THR A 103 -5.00 26.88 -20.20
C THR A 103 -4.76 28.13 -19.42
N PRO A 104 -4.15 28.00 -18.23
CA PRO A 104 -3.86 29.18 -17.44
C PRO A 104 -2.83 30.05 -18.16
N ASP A 105 -2.80 31.33 -17.80
CA ASP A 105 -1.93 32.34 -18.40
C ASP A 105 -1.07 32.95 -17.31
N ARG A 106 -1.38 32.58 -16.06
CA ARG A 106 -0.78 33.11 -14.85
C ARG A 106 -0.20 31.92 -14.02
N GLN A 107 0.55 32.21 -12.96
CA GLN A 107 1.05 31.15 -12.08
C GLN A 107 0.75 31.46 -10.63
N TRP A 108 0.71 30.43 -9.80
CA TRP A 108 0.31 30.61 -8.41
C TRP A 108 1.28 29.86 -7.50
N ASP A 109 1.32 30.26 -6.23
CA ASP A 109 2.19 29.61 -5.23
C ASP A 109 1.67 28.23 -4.87
N ALA A 110 0.35 28.04 -4.96
CA ALA A 110 -0.30 26.79 -4.59
C ALA A 110 -1.60 26.65 -5.33
N VAL A 111 -1.91 25.42 -5.72
CA VAL A 111 -3.17 25.04 -6.33
C VAL A 111 -3.82 24.01 -5.40
N PHE A 112 -5.09 24.23 -5.08
CA PHE A 112 -5.84 23.33 -4.24
C PHE A 112 -7.16 22.96 -4.93
N PHE A 113 -7.58 21.70 -4.78
CA PHE A 113 -8.97 21.31 -5.10
C PHE A 113 -9.46 20.20 -4.18
N ALA A 114 -10.75 20.22 -3.86
CA ALA A 114 -11.38 19.21 -3.02
C ALA A 114 -12.50 18.54 -3.82
N HIS A 115 -12.48 17.21 -3.87
CA HIS A 115 -13.49 16.45 -4.56
C HIS A 115 -13.72 16.87 -6.01
N TRP A 116 -12.64 17.19 -6.71
CA TRP A 116 -12.72 17.50 -8.13
C TRP A 116 -12.13 16.37 -8.95
N LEU A 117 -10.97 15.88 -8.53
CA LEU A 117 -10.26 14.90 -9.34
C LEU A 117 -11.07 13.64 -9.64
N ALA A 118 -11.91 13.22 -8.70
CA ALA A 118 -12.74 12.03 -8.97
C ALA A 118 -13.77 12.23 -10.11
N HIS A 119 -13.93 13.49 -10.56
CA HIS A 119 -14.88 13.87 -11.61
C HIS A 119 -14.17 14.14 -12.91
N VAL A 120 -12.87 13.82 -12.92
CA VAL A 120 -12.03 13.90 -14.10
C VAL A 120 -11.84 12.49 -14.58
N PRO A 121 -12.42 12.15 -15.75
CA PRO A 121 -12.28 10.77 -16.27
C PRO A 121 -10.84 10.47 -16.73
N ASP A 122 -10.50 9.19 -16.83
CA ASP A 122 -9.15 8.76 -17.25
C ASP A 122 -8.65 9.39 -18.57
N ASP A 123 -9.55 9.60 -19.53
CA ASP A 123 -9.15 10.12 -20.85
C ASP A 123 -8.93 11.62 -20.82
N ARG A 124 -9.26 12.26 -19.69
CA ARG A 124 -9.02 13.70 -19.57
C ARG A 124 -7.96 14.10 -18.51
N PHE A 125 -7.48 13.09 -17.80
CA PHE A 125 -6.63 13.20 -16.63
C PHE A 125 -5.29 13.87 -16.97
N GLU A 126 -4.65 13.38 -18.02
CA GLU A 126 -3.34 13.89 -18.43
C GLU A 126 -3.39 15.38 -18.84
N ALA A 127 -4.34 15.75 -19.69
CA ALA A 127 -4.43 17.16 -20.11
C ALA A 127 -4.79 18.05 -18.94
N PHE A 128 -5.65 17.56 -18.04
CA PHE A 128 -5.93 18.29 -16.80
C PHE A 128 -4.66 18.55 -16.01
N TRP A 129 -3.86 17.53 -15.76
CA TRP A 129 -2.61 17.72 -15.00
C TRP A 129 -1.56 18.57 -15.70
N GLU A 130 -1.57 18.56 -17.03
CA GLU A 130 -0.73 19.45 -17.83
C GLU A 130 -1.04 20.91 -17.57
N SER A 131 -2.33 21.28 -17.57
CA SER A 131 -2.70 22.66 -17.26
C SER A 131 -2.40 23.02 -15.81
N VAL A 132 -2.63 22.08 -14.89
CA VAL A 132 -2.32 22.32 -13.49
C VAL A 132 -0.81 22.59 -13.37
N ARG A 133 0.00 21.76 -14.03
CA ARG A 133 1.45 21.99 -14.08
C ARG A 133 1.80 23.41 -14.54
N SER A 134 1.15 23.91 -15.59
CA SER A 134 1.39 25.30 -16.03
C SER A 134 1.06 26.31 -14.97
N ALA A 135 0.08 26.01 -14.14
CA ALA A 135 -0.39 26.98 -13.15
C ALA A 135 0.47 27.07 -11.91
N VAL A 136 1.33 26.07 -11.66
CA VAL A 136 2.17 26.12 -10.46
C VAL A 136 3.45 26.94 -10.65
N ALA A 137 3.64 27.95 -9.82
CA ALA A 137 4.91 28.70 -9.79
C ALA A 137 6.04 27.79 -9.31
N PRO A 138 7.30 28.08 -9.70
CA PRO A 138 8.44 27.36 -9.15
C PRO A 138 8.42 27.39 -7.63
N GLY A 139 8.67 26.23 -7.02
CA GLY A 139 8.65 26.13 -5.54
C GLY A 139 7.26 25.81 -4.98
N GLY A 140 6.25 25.77 -5.87
CA GLY A 140 4.85 25.60 -5.45
C GLY A 140 4.42 24.15 -5.34
N VAL A 141 3.24 23.94 -4.80
CA VAL A 141 2.68 22.59 -4.69
C VAL A 141 1.26 22.57 -5.20
N VAL A 142 0.80 21.38 -5.52
CA VAL A 142 -0.62 21.15 -5.70
C VAL A 142 -1.06 20.29 -4.52
N GLU A 143 -2.15 20.67 -3.85
CA GLU A 143 -2.75 19.79 -2.82
C GLU A 143 -4.21 19.52 -3.13
N PHE A 144 -4.67 18.33 -2.79
CA PHE A 144 -6.05 17.98 -3.06
C PHE A 144 -6.64 16.97 -2.07
N VAL A 145 -7.97 17.05 -1.90
CA VAL A 145 -8.74 16.13 -1.06
C VAL A 145 -9.64 15.39 -2.01
N ASP A 146 -9.85 14.11 -1.76
CA ASP A 146 -10.80 13.35 -2.55
C ASP A 146 -11.18 12.11 -1.80
N VAL A 147 -12.12 11.38 -2.38
CA VAL A 147 -12.53 10.07 -1.92
C VAL A 147 -11.38 9.11 -2.20
N THR A 148 -11.35 7.98 -1.49
CA THR A 148 -10.41 6.96 -1.87
C THR A 148 -10.94 5.57 -1.68
N ASP A 149 -10.25 4.61 -2.28
CA ASP A 149 -10.50 3.19 -2.12
C ASP A 149 -9.31 2.48 -1.48
N HIS A 150 -9.55 1.31 -0.91
CA HIS A 150 -8.49 0.38 -0.52
C HIS A 150 -7.71 -0.04 -1.76
N GLU A 151 -6.39 -0.17 -1.63
CA GLU A 151 -5.50 -0.54 -2.74
C GLU A 151 -6.04 -1.69 -3.60
N ARG A 152 -6.73 -2.63 -2.97
CA ARG A 152 -6.95 -3.91 -3.61
C ARG A 152 -8.28 -4.05 -4.34
N ARG A 153 -9.18 -3.08 -4.18
CA ARG A 153 -10.56 -3.24 -4.65
C ARG A 153 -10.61 -3.50 -6.14
N LEU A 154 -9.85 -2.68 -6.87
CA LEU A 154 -9.80 -2.72 -8.32
C LEU A 154 -9.56 -4.13 -8.86
N GLU A 155 -8.56 -4.80 -8.29
CA GLU A 155 -8.24 -6.16 -8.70
C GLU A 155 -9.31 -7.16 -8.28
N GLN A 156 -9.92 -6.94 -7.11
CA GLN A 156 -11.02 -7.83 -6.66
C GLN A 156 -12.21 -7.76 -7.62
N GLN A 157 -12.48 -6.55 -8.10
CA GLN A 157 -13.51 -6.34 -9.08
C GLN A 157 -13.08 -6.90 -10.47
N ASP A 158 -11.84 -6.59 -10.87
CA ASP A 158 -11.25 -7.10 -12.13
C ASP A 158 -12.13 -6.81 -13.36
N ASP A 159 -12.38 -5.52 -13.61
CA ASP A 159 -13.25 -5.07 -14.70
C ASP A 159 -12.39 -4.47 -15.82
N SER A 160 -12.51 -4.97 -17.04
CA SER A 160 -11.75 -4.36 -18.16
C SER A 160 -12.43 -3.13 -18.81
N GLU A 161 -13.75 -2.98 -18.68
CA GLU A 161 -14.40 -1.70 -19.02
C GLU A 161 -14.97 -1.09 -17.74
N PRO A 162 -14.11 -0.43 -16.92
CA PRO A 162 -14.64 0.01 -15.63
C PRO A 162 -15.75 1.05 -15.84
N GLU A 163 -16.81 0.98 -15.02
CA GLU A 163 -17.89 1.98 -15.04
C GLU A 163 -17.39 3.35 -14.57
N VAL A 164 -17.22 4.27 -15.50
CA VAL A 164 -16.75 5.62 -15.18
C VAL A 164 -17.82 6.44 -14.42
N ALA A 165 -19.09 6.06 -14.58
CA ALA A 165 -20.21 6.94 -14.23
C ALA A 165 -21.11 6.50 -13.07
N VAL A 166 -21.66 7.47 -12.36
CA VAL A 166 -22.73 7.19 -11.39
C VAL A 166 -23.94 8.10 -11.65
N ARG A 167 -25.10 7.67 -11.17
CA ARG A 167 -26.34 8.36 -11.41
C ARG A 167 -26.86 8.99 -10.13
N ARG A 168 -27.02 10.31 -10.17
CA ARG A 168 -27.54 11.09 -9.07
C ARG A 168 -28.98 11.56 -9.34
N THR A 169 -29.70 11.83 -8.25
CA THR A 169 -31.06 12.36 -8.31
C THR A 169 -31.17 13.58 -7.41
N LEU A 170 -31.64 14.70 -7.97
CA LEU A 170 -31.91 15.90 -7.17
C LEU A 170 -33.19 15.80 -6.33
N GLN A 171 -33.45 16.85 -5.55
CA GLN A 171 -34.64 16.97 -4.67
C GLN A 171 -35.91 16.82 -5.50
N ASP A 172 -35.98 17.63 -6.54
CA ASP A 172 -37.11 17.69 -7.45
C ASP A 172 -37.25 16.47 -8.38
N GLY A 173 -36.39 15.46 -8.23
CA GLY A 173 -36.47 14.24 -9.07
C GLY A 173 -35.63 14.22 -10.34
N ARG A 174 -35.05 15.35 -10.73
CA ARG A 174 -34.15 15.37 -11.89
C ARG A 174 -32.95 14.43 -11.68
N SER A 175 -32.68 13.62 -12.71
CA SER A 175 -31.66 12.58 -12.66
C SER A 175 -30.48 12.95 -13.59
N PHE A 176 -29.26 12.80 -13.09
CA PHE A 176 -28.01 13.11 -13.84
C PHE A 176 -26.90 12.07 -13.62
N ARG A 177 -26.29 11.63 -14.73
CA ARG A 177 -25.08 10.85 -14.64
C ARG A 177 -23.86 11.77 -14.52
N ILE A 178 -22.90 11.37 -13.67
CA ILE A 178 -21.66 12.12 -13.49
C ILE A 178 -20.48 11.15 -13.49
N VAL A 179 -19.27 11.69 -13.63
CA VAL A 179 -18.05 10.91 -13.51
C VAL A 179 -17.74 10.74 -12.01
N LYS A 180 -17.52 9.50 -11.57
CA LYS A 180 -17.06 9.25 -10.21
C LYS A 180 -16.04 8.08 -10.20
N VAL A 181 -14.77 8.46 -10.30
CA VAL A 181 -13.65 7.50 -10.33
C VAL A 181 -12.91 7.53 -9.00
N PHE A 182 -13.10 6.47 -8.20
CA PHE A 182 -12.41 6.27 -6.94
C PHE A 182 -11.00 5.75 -7.27
N ARG A 183 -9.96 6.49 -6.89
CA ARG A 183 -8.57 6.09 -7.17
C ARG A 183 -7.79 5.96 -5.84
N SER A 184 -7.16 4.80 -5.63
CA SER A 184 -6.34 4.56 -4.41
C SER A 184 -5.13 5.49 -4.33
N PRO A 185 -4.59 5.72 -3.10
CA PRO A 185 -3.35 6.52 -3.01
C PRO A 185 -2.25 5.96 -3.91
N ALA A 186 -2.06 4.63 -3.96
CA ALA A 186 -0.95 4.03 -4.76
C ALA A 186 -1.14 4.26 -6.24
N GLU A 187 -2.36 4.01 -6.72
CA GLU A 187 -2.70 4.31 -8.10
C GLU A 187 -2.47 5.77 -8.46
N LEU A 188 -2.88 6.71 -7.61
CA LEU A 188 -2.64 8.12 -7.92
C LEU A 188 -1.16 8.46 -7.94
N THR A 189 -0.43 7.95 -6.96
CA THR A 189 1.02 8.14 -6.85
C THR A 189 1.73 7.65 -8.13
N GLU A 190 1.45 6.41 -8.52
CA GLU A 190 2.03 5.77 -9.70
C GLU A 190 1.72 6.54 -10.99
N ARG A 191 0.49 7.01 -11.17
CA ARG A 191 0.16 7.76 -12.37
C ARG A 191 0.75 9.16 -12.39
N LEU A 192 0.73 9.84 -11.26
CA LEU A 192 1.23 11.20 -11.23
C LEU A 192 2.77 11.23 -11.32
N THR A 193 3.42 10.23 -10.74
CA THR A 193 4.87 10.06 -10.85
C THR A 193 5.25 9.88 -12.33
N ALA A 194 4.55 9.02 -13.04
CA ALA A 194 4.75 8.85 -14.49
C ALA A 194 4.61 10.16 -15.28
N LEU A 195 3.90 11.14 -14.73
CA LEU A 195 3.72 12.40 -15.45
C LEU A 195 4.63 13.47 -14.90
N GLY A 196 5.65 13.06 -14.15
CA GLY A 196 6.65 13.99 -13.63
C GLY A 196 6.40 14.66 -12.28
N TRP A 197 5.43 14.18 -11.49
CA TRP A 197 5.15 14.79 -10.19
C TRP A 197 5.78 13.93 -9.07
N SER A 198 6.23 14.57 -7.97
CA SER A 198 6.53 13.82 -6.74
C SER A 198 5.37 13.99 -5.75
N CYS A 199 4.85 12.87 -5.27
CA CYS A 199 3.53 12.85 -4.65
C CYS A 199 3.55 12.21 -3.30
N SER A 200 2.92 12.88 -2.33
CA SER A 200 2.65 12.27 -1.05
C SER A 200 1.15 12.18 -0.93
N VAL A 201 0.60 10.99 -1.06
CA VAL A 201 -0.85 10.82 -1.07
C VAL A 201 -1.22 9.87 0.03
N ASP A 202 -2.08 10.31 0.94
CA ASP A 202 -2.38 9.51 2.12
C ASP A 202 -3.86 9.42 2.42
N GLU A 203 -4.32 8.23 2.79
CA GLU A 203 -5.66 8.11 3.35
C GLU A 203 -5.65 8.74 4.73
N VAL A 204 -6.35 9.85 4.92
CA VAL A 204 -6.25 10.55 6.20
C VAL A 204 -7.41 10.24 7.15
N HIS A 205 -8.46 9.64 6.59
CA HIS A 205 -9.65 9.22 7.30
C HIS A 205 -10.26 8.14 6.42
N PRO A 206 -10.96 7.18 7.02
CA PRO A 206 -11.48 6.12 6.12
C PRO A 206 -12.37 6.73 5.00
N GLY A 207 -12.10 6.36 3.76
CA GLY A 207 -12.86 6.89 2.64
C GLY A 207 -12.31 8.16 2.03
N PHE A 208 -11.26 8.75 2.63
CA PHE A 208 -10.74 10.03 2.17
C PHE A 208 -9.20 10.10 2.12
N LEU A 209 -8.69 10.68 1.04
CA LEU A 209 -7.27 10.89 0.91
C LEU A 209 -6.92 12.38 0.86
N TYR A 210 -5.65 12.70 1.12
CA TYR A 210 -5.11 14.02 0.91
C TYR A 210 -3.78 13.84 0.16
N ALA A 211 -3.53 14.69 -0.83
CA ALA A 211 -2.33 14.62 -1.66
C ALA A 211 -1.59 15.92 -1.64
N THR A 212 -0.26 15.82 -1.58
CA THR A 212 0.63 16.95 -1.89
C THR A 212 1.49 16.51 -3.07
N CYS A 213 1.42 17.27 -4.16
CA CYS A 213 2.10 16.97 -5.40
C CYS A 213 3.01 18.12 -5.82
N ARG A 214 4.24 17.77 -6.18
CA ARG A 214 5.28 18.75 -6.54
C ARG A 214 5.73 18.53 -8.00
N PRO A 215 5.78 19.61 -8.79
CA PRO A 215 5.86 19.57 -10.28
C PRO A 215 7.03 18.81 -10.93
N HIS B 5 36.01 12.41 2.86
CA HIS B 5 36.31 13.85 2.59
C HIS B 5 35.92 14.27 1.17
N GLY B 6 36.11 13.34 0.23
CA GLY B 6 35.66 13.57 -1.15
C GLY B 6 34.16 13.39 -1.23
N LEU B 7 33.65 12.53 -0.37
CA LEU B 7 32.21 12.28 -0.26
C LEU B 7 31.49 13.50 0.31
N ILE B 8 32.17 14.20 1.21
CA ILE B 8 31.67 15.40 1.85
C ILE B 8 31.53 16.54 0.85
N GLU B 9 32.61 16.81 0.14
CA GLU B 9 32.67 17.86 -0.87
C GLU B 9 31.68 17.53 -2.00
N SER B 10 31.54 16.26 -2.33
CA SER B 10 30.65 15.82 -3.40
C SER B 10 29.15 15.92 -3.01
N GLN B 11 28.86 15.59 -1.74
CA GLN B 11 27.57 15.84 -1.12
C GLN B 11 27.17 17.32 -1.19
N LEU B 12 28.10 18.21 -0.84
CA LEU B 12 27.81 19.63 -0.85
C LEU B 12 27.58 20.16 -2.28
N SER B 13 28.40 19.70 -3.22
CA SER B 13 28.23 20.02 -4.66
C SER B 13 26.87 19.58 -5.17
N TYR B 14 26.43 18.40 -4.77
CA TYR B 14 25.12 17.89 -5.15
C TYR B 14 23.99 18.82 -4.75
N TYR B 15 23.97 19.26 -3.49
CA TYR B 15 22.92 20.16 -3.02
C TYR B 15 23.06 21.55 -3.65
N ARG B 16 24.28 22.04 -3.78
CA ARG B 16 24.56 23.26 -4.55
C ARG B 16 23.91 23.23 -5.93
N ALA B 17 24.11 22.13 -6.66
CA ALA B 17 23.56 21.95 -8.00
C ALA B 17 22.03 21.72 -7.99
N ARG B 18 21.53 21.12 -6.92
CA ARG B 18 20.12 20.78 -6.83
C ARG B 18 19.25 21.96 -6.37
N ALA B 19 19.89 22.98 -5.79
CA ALA B 19 19.19 24.07 -5.15
C ALA B 19 18.00 24.64 -5.95
N SER B 20 18.18 24.92 -7.23
CA SER B 20 17.11 25.56 -8.02
C SER B 20 15.88 24.65 -8.30
N GLU B 21 16.09 23.34 -8.31
CA GLU B 21 14.97 22.38 -8.47
C GLU B 21 14.61 21.60 -7.18
N TYR B 22 15.22 21.95 -6.04
CA TYR B 22 15.03 21.17 -4.80
C TYR B 22 13.55 21.06 -4.38
N ASP B 23 12.84 22.19 -4.40
CA ASP B 23 11.42 22.29 -4.05
C ASP B 23 10.46 21.58 -4.99
N ALA B 24 10.91 21.33 -6.22
CA ALA B 24 10.13 20.56 -7.20
C ALA B 24 9.96 19.07 -6.81
N THR B 25 10.86 18.58 -5.96
CA THR B 25 10.92 17.16 -5.59
C THR B 25 10.92 16.97 -4.07
N PHE B 26 11.56 17.88 -3.37
CA PHE B 26 11.63 17.88 -1.90
C PHE B 26 12.16 16.53 -1.37
N VAL B 27 11.99 16.27 -0.08
CA VAL B 27 12.33 14.97 0.50
C VAL B 27 11.13 14.00 0.35
N PRO B 28 11.38 12.81 -0.23
CA PRO B 28 10.33 11.79 -0.40
C PRO B 28 9.45 11.58 0.84
N TYR B 29 8.13 11.79 0.67
CA TYR B 29 7.09 11.62 1.70
C TYR B 29 7.16 12.51 2.93
N MET B 30 8.01 13.53 2.91
CA MET B 30 8.04 14.48 4.03
C MET B 30 6.65 15.14 4.16
N ASP B 31 5.97 15.38 3.04
CA ASP B 31 4.64 16.01 3.05
C ASP B 31 3.58 15.17 3.77
N SER B 32 3.75 13.84 3.75
CA SER B 32 2.87 12.92 4.47
C SER B 32 3.13 13.01 5.98
N ALA B 33 4.40 13.23 6.34
CA ALA B 33 4.87 13.12 7.73
C ALA B 33 4.83 14.48 8.41
N ALA B 34 4.63 15.54 7.63
CA ALA B 34 4.77 16.88 8.18
C ALA B 34 3.81 17.18 9.34
N PRO B 35 2.52 16.81 9.20
CA PRO B 35 1.63 17.14 10.36
C PRO B 35 2.03 16.48 11.66
N ALA B 36 2.50 15.24 11.57
CA ALA B 36 2.96 14.51 12.75
C ALA B 36 4.21 15.19 13.33
N ALA B 37 5.11 15.62 12.45
CA ALA B 37 6.34 16.30 12.86
C ALA B 37 6.03 17.66 13.47
N LEU B 38 5.06 18.37 12.89
CA LEU B 38 4.66 19.70 13.38
C LEU B 38 4.04 19.68 14.79
N GLU B 39 3.35 18.60 15.14
CA GLU B 39 2.87 18.46 16.49
C GLU B 39 4.04 18.53 17.47
N ARG B 40 5.18 17.94 17.10
CA ARG B 40 6.34 18.02 17.98
C ARG B 40 7.02 19.38 17.85
N LEU B 41 7.20 19.89 16.63
CA LEU B 41 7.77 21.22 16.42
C LEU B 41 7.05 22.31 17.22
N ARG B 42 5.73 22.18 17.37
CA ARG B 42 4.91 23.25 17.98
C ARG B 42 4.73 23.01 19.46
N ALA B 43 5.47 22.06 20.02
CA ALA B 43 5.30 21.71 21.42
C ALA B 43 5.80 22.76 22.42
N GLY B 44 6.45 23.83 21.94
CA GLY B 44 6.91 24.89 22.82
C GLY B 44 8.42 25.07 22.97
N ASN B 45 9.21 24.07 22.55
CA ASN B 45 10.66 24.19 22.68
C ASN B 45 11.27 25.09 21.61
N ILE B 46 10.63 25.16 20.45
CA ILE B 46 11.06 26.07 19.41
C ILE B 46 10.49 27.42 19.78
N ARG B 47 11.33 28.26 20.37
CA ARG B 47 10.93 29.58 20.81
C ARG B 47 12.19 30.42 21.05
N GLY B 48 12.02 31.70 21.32
CA GLY B 48 13.15 32.58 21.63
C GLY B 48 14.10 32.69 20.45
N ASP B 49 15.40 32.56 20.71
CA ASP B 49 16.42 32.58 19.65
C ASP B 49 16.72 31.17 19.18
N VAL B 50 16.47 30.93 17.89
CA VAL B 50 16.63 29.59 17.35
C VAL B 50 17.73 29.55 16.33
N LEU B 51 18.49 28.47 16.37
CA LEU B 51 19.48 28.17 15.37
C LEU B 51 19.03 26.98 14.51
N GLU B 52 19.03 27.19 13.20
CA GLU B 52 18.73 26.10 12.28
C GLU B 52 19.97 25.71 11.48
N LEU B 53 20.23 24.40 11.41
CA LEU B 53 21.33 23.89 10.60
C LEU B 53 20.82 23.22 9.33
N ALA B 54 21.55 23.47 8.23
CA ALA B 54 21.23 22.96 6.90
C ALA B 54 19.82 23.33 6.46
N SER B 55 19.52 24.63 6.45
CA SER B 55 18.16 25.12 6.18
C SER B 55 17.61 24.92 4.75
N GLY B 56 18.49 24.71 3.77
CA GLY B 56 18.09 24.47 2.37
C GLY B 56 17.23 25.60 1.83
N THR B 57 16.15 25.23 1.16
CA THR B 57 15.22 26.22 0.61
C THR B 57 14.31 26.85 1.65
N GLY B 58 14.39 26.43 2.90
CA GLY B 58 13.66 27.13 3.96
C GLY B 58 12.31 26.54 4.34
N TYR B 59 12.03 25.32 3.89
CA TYR B 59 10.79 24.66 4.31
C TYR B 59 10.56 24.72 5.82
N TRP B 60 11.53 24.28 6.61
CA TRP B 60 11.37 24.33 8.07
C TRP B 60 11.60 25.73 8.63
N THR B 61 12.46 26.48 7.96
CA THR B 61 12.76 27.87 8.33
C THR B 61 11.48 28.70 8.43
N ARG B 62 10.55 28.52 7.50
CA ARG B 62 9.24 29.22 7.58
C ARG B 62 8.51 28.96 8.90
N HIS B 63 8.46 27.70 9.31
CA HIS B 63 7.81 27.34 10.58
C HIS B 63 8.60 27.91 11.75
N LEU B 64 9.92 27.83 11.69
CA LEU B 64 10.73 28.32 12.82
C LEU B 64 10.54 29.83 12.92
N SER B 65 10.48 30.50 11.78
CA SER B 65 10.19 31.94 11.73
C SER B 65 8.91 32.31 12.49
N GLY B 66 7.83 31.57 12.27
CA GLY B 66 6.56 31.82 12.95
C GLY B 66 6.57 31.56 14.45
N LEU B 67 7.36 30.59 14.91
CA LEU B 67 7.39 30.19 16.32
C LEU B 67 8.40 30.93 17.19
N ALA B 68 9.49 31.38 16.59
CA ALA B 68 10.59 31.99 17.33
C ALA B 68 10.53 33.51 17.26
N ASP B 69 11.28 34.18 18.14
CA ASP B 69 11.57 35.61 17.97
C ASP B 69 12.55 35.85 16.83
N ARG B 70 13.60 35.03 16.77
CA ARG B 70 14.70 35.23 15.81
C ARG B 70 15.24 33.88 15.39
N VAL B 71 15.53 33.73 14.10
CA VAL B 71 16.16 32.52 13.60
C VAL B 71 17.47 32.90 12.95
N THR B 72 18.51 32.12 13.23
CA THR B 72 19.75 32.15 12.48
C THR B 72 19.82 30.80 11.79
N ALA B 73 19.92 30.84 10.47
CA ALA B 73 19.91 29.64 9.64
C ALA B 73 21.20 29.50 8.84
N LEU B 74 21.80 28.32 8.93
CA LEU B 74 23.08 28.06 8.30
C LEU B 74 22.87 27.03 7.23
N ASP B 75 23.52 27.24 6.08
CA ASP B 75 23.61 26.21 5.07
C ASP B 75 24.94 26.33 4.33
N GLY B 76 25.46 25.20 3.85
CA GLY B 76 26.70 25.18 3.07
C GLY B 76 26.59 25.82 1.70
N SER B 77 25.37 25.90 1.15
CA SER B 77 25.14 26.35 -0.22
C SER B 77 24.51 27.74 -0.29
N ALA B 78 25.21 28.68 -0.93
CA ALA B 78 24.68 30.03 -1.16
C ALA B 78 23.50 29.97 -2.10
N GLU B 79 23.50 28.99 -3.01
CA GLU B 79 22.36 28.76 -3.90
C GLU B 79 21.08 28.46 -3.08
N MET B 80 21.21 27.57 -2.09
CA MET B 80 20.09 27.22 -1.22
C MET B 80 19.64 28.45 -0.46
N ILE B 81 20.60 29.20 0.07
CA ILE B 81 20.29 30.42 0.83
C ILE B 81 19.50 31.39 -0.04
N ALA B 82 19.91 31.50 -1.31
CA ALA B 82 19.24 32.38 -2.28
C ALA B 82 17.80 31.95 -2.51
N GLU B 83 17.55 30.66 -2.63
CA GLU B 83 16.17 30.12 -2.68
C GLU B 83 15.32 30.45 -1.44
N ALA B 84 15.91 30.30 -0.26
CA ALA B 84 15.23 30.56 1.00
C ALA B 84 14.89 32.04 1.23
N GLY B 85 15.71 32.91 0.63
CA GLY B 85 15.51 34.35 0.71
C GLY B 85 14.21 34.76 0.04
N ARG B 86 13.73 33.93 -0.88
CA ARG B 86 12.48 34.18 -1.59
C ARG B 86 11.22 34.18 -0.71
N HIS B 87 11.29 33.60 0.49
CA HIS B 87 10.14 33.51 1.38
C HIS B 87 9.82 34.81 2.12
N GLY B 88 10.75 35.76 2.09
CA GLY B 88 10.59 37.07 2.71
C GLY B 88 10.38 37.06 4.22
N LEU B 89 11.14 36.21 4.92
CA LEU B 89 10.98 36.05 6.38
C LEU B 89 11.75 37.14 7.14
N ASP B 90 11.02 37.98 7.88
CA ASP B 90 11.56 39.19 8.50
C ASP B 90 12.52 38.93 9.65
N ASN B 91 12.28 37.88 10.42
CA ASN B 91 13.10 37.61 11.61
C ASN B 91 14.18 36.54 11.38
N VAL B 92 14.56 36.29 10.13
CA VAL B 92 15.54 35.27 9.83
C VAL B 92 16.80 35.83 9.19
N GLU B 93 17.97 35.42 9.71
CA GLU B 93 19.25 35.71 9.11
C GLU B 93 19.86 34.40 8.59
N PHE B 94 20.30 34.38 7.33
CA PHE B 94 20.99 33.23 6.74
C PHE B 94 22.49 33.41 6.65
N ARG B 95 23.24 32.34 6.91
CA ARG B 95 24.70 32.37 6.77
C ARG B 95 25.21 31.12 6.07
N GLN B 96 26.17 31.32 5.17
CA GLN B 96 26.84 30.19 4.54
C GLN B 96 27.83 29.60 5.51
N GLN B 97 27.81 28.29 5.64
CA GLN B 97 28.69 27.63 6.59
C GLN B 97 28.78 26.17 6.26
N ASP B 98 30.02 25.68 6.17
CA ASP B 98 30.25 24.24 6.10
C ASP B 98 30.18 23.70 7.52
N LEU B 99 29.21 22.82 7.78
CA LEU B 99 28.94 22.31 9.11
C LEU B 99 29.96 21.26 9.57
N PHE B 100 30.79 20.79 8.64
CA PHE B 100 31.87 19.89 8.99
C PHE B 100 33.13 20.60 9.44
N ASP B 101 33.13 21.93 9.31
CA ASP B 101 34.20 22.77 9.81
C ASP B 101 33.57 23.92 10.57
N TRP B 102 32.93 23.63 11.68
CA TRP B 102 32.03 24.62 12.30
C TRP B 102 32.04 24.57 13.82
N THR B 103 32.16 25.73 14.44
CA THR B 103 31.98 25.87 15.89
C THR B 103 31.14 27.12 16.13
N PRO B 104 30.06 26.99 16.92
CA PRO B 104 29.27 28.20 17.16
C PRO B 104 30.04 29.21 18.01
N ASP B 105 29.62 30.47 17.89
CA ASP B 105 30.17 31.56 18.68
C ASP B 105 29.33 31.89 19.88
N ARG B 106 28.04 31.57 19.79
CA ARG B 106 27.11 31.87 20.85
C ARG B 106 26.14 30.69 21.06
N GLN B 107 25.02 30.95 21.73
CA GLN B 107 24.11 29.89 22.13
C GLN B 107 22.69 30.29 21.81
N TRP B 108 21.83 29.28 21.60
CA TRP B 108 20.43 29.52 21.25
C TRP B 108 19.49 28.72 22.15
N ASP B 109 18.23 29.16 22.25
CA ASP B 109 17.23 28.45 23.04
C ASP B 109 16.84 27.08 22.43
N ALA B 110 16.93 26.98 21.11
CA ALA B 110 16.77 25.72 20.39
C ALA B 110 17.68 25.69 19.18
N VAL B 111 18.25 24.51 18.92
CA VAL B 111 18.93 24.21 17.67
C VAL B 111 18.03 23.21 16.93
N PHE B 112 17.75 23.45 15.66
CA PHE B 112 16.91 22.57 14.88
C PHE B 112 17.58 22.20 13.58
N PHE B 113 17.43 20.93 13.19
CA PHE B 113 17.76 20.52 11.81
C PHE B 113 16.83 19.43 11.27
N ALA B 114 16.48 19.53 9.99
CA ALA B 114 15.65 18.53 9.34
C ALA B 114 16.43 17.89 8.20
N HIS B 115 16.55 16.55 8.22
CA HIS B 115 17.18 15.82 7.13
C HIS B 115 18.61 16.27 6.91
N TRP B 116 19.31 16.51 8.02
CA TRP B 116 20.72 16.83 8.01
C TRP B 116 21.57 15.67 8.56
N LEU B 117 21.10 15.06 9.64
CA LEU B 117 21.93 14.11 10.40
C LEU B 117 22.25 12.85 9.58
N ALA B 118 21.28 12.36 8.82
CA ALA B 118 21.50 11.29 7.83
C ALA B 118 22.64 11.58 6.82
N HIS B 119 23.07 12.83 6.72
CA HIS B 119 24.17 13.20 5.82
C HIS B 119 25.46 13.46 6.56
N VAL B 120 25.47 13.15 7.85
CA VAL B 120 26.67 13.20 8.68
C VAL B 120 27.15 11.76 8.86
N PRO B 121 28.31 11.41 8.27
CA PRO B 121 28.85 10.04 8.41
C PRO B 121 29.27 9.72 9.85
N ASP B 122 29.13 8.44 10.24
CA ASP B 122 29.49 7.95 11.58
C ASP B 122 30.84 8.48 12.06
N ASP B 123 31.81 8.55 11.17
CA ASP B 123 33.14 9.02 11.56
C ASP B 123 33.23 10.54 11.77
N ARG B 124 32.10 11.25 11.64
CA ARG B 124 32.08 12.71 11.87
C ARG B 124 31.00 13.18 12.86
N PHE B 125 30.25 12.20 13.35
CA PHE B 125 29.09 12.31 14.21
C PHE B 125 29.40 12.99 15.56
N GLU B 126 30.43 12.51 16.25
CA GLU B 126 30.86 13.09 17.53
C GLU B 126 31.21 14.55 17.49
N ALA B 127 32.11 14.92 16.58
CA ALA B 127 32.54 16.31 16.47
C ALA B 127 31.36 17.17 16.09
N PHE B 128 30.47 16.66 15.23
CA PHE B 128 29.27 17.43 14.91
C PHE B 128 28.50 17.74 16.21
N TRP B 129 28.27 16.71 17.02
CA TRP B 129 27.49 16.85 18.25
C TRP B 129 28.18 17.63 19.36
N GLU B 130 29.53 17.68 19.33
CA GLU B 130 30.30 18.57 20.22
C GLU B 130 29.99 20.02 19.94
N SER B 131 30.00 20.41 18.67
CA SER B 131 29.64 21.79 18.29
C SER B 131 28.17 22.07 18.53
N VAL B 132 27.30 21.08 18.33
CA VAL B 132 25.87 21.30 18.62
C VAL B 132 25.70 21.56 20.12
N ARG B 133 26.32 20.73 20.95
CA ARG B 133 26.26 20.91 22.40
C ARG B 133 26.63 22.32 22.82
N SER B 134 27.72 22.82 22.26
CA SER B 134 28.19 24.16 22.56
C SER B 134 27.26 25.28 22.07
N ALA B 135 26.41 24.98 21.08
CA ALA B 135 25.39 25.96 20.63
C ALA B 135 24.12 26.04 21.51
N VAL B 136 24.00 25.18 22.52
CA VAL B 136 22.75 25.12 23.31
C VAL B 136 22.83 26.03 24.52
N ALA B 137 21.97 27.04 24.60
CA ALA B 137 21.88 27.91 25.77
C ALA B 137 21.34 27.13 26.99
N PRO B 138 21.63 27.62 28.20
CA PRO B 138 21.05 27.06 29.43
C PRO B 138 19.53 26.88 29.29
N GLY B 139 19.05 25.68 29.61
CA GLY B 139 17.61 25.36 29.46
C GLY B 139 17.14 25.05 28.04
N GLY B 140 18.05 25.00 27.08
CA GLY B 140 17.65 24.81 25.68
C GLY B 140 17.62 23.35 25.23
N VAL B 141 17.25 23.13 23.98
CA VAL B 141 17.21 21.77 23.46
C VAL B 141 17.74 21.74 22.05
N VAL B 142 18.03 20.54 21.59
CA VAL B 142 18.17 20.32 20.16
C VAL B 142 16.97 19.48 19.71
N GLU B 143 16.35 19.86 18.59
CA GLU B 143 15.30 19.04 18.01
C GLU B 143 15.64 18.79 16.56
N PHE B 144 15.42 17.57 16.10
CA PHE B 144 15.62 17.28 14.69
C PHE B 144 14.60 16.32 14.10
N VAL B 145 14.46 16.42 12.79
CA VAL B 145 13.65 15.52 11.97
C VAL B 145 14.58 14.79 11.01
N ASP B 146 14.30 13.50 10.79
CA ASP B 146 15.03 12.72 9.82
C ASP B 146 14.27 11.43 9.44
N VAL B 147 14.72 10.78 8.38
CA VAL B 147 14.30 9.45 8.02
C VAL B 147 14.62 8.51 9.18
N THR B 148 13.94 7.37 9.25
CA THR B 148 14.34 6.34 10.19
C THR B 148 14.05 4.92 9.69
N ASP B 149 14.45 3.93 10.47
CA ASP B 149 14.13 2.52 10.22
C ASP B 149 13.45 1.92 11.43
N HIS B 150 12.73 0.83 11.23
CA HIS B 150 12.27 0.08 12.38
C HIS B 150 13.49 -0.59 12.97
N GLU B 151 13.36 -0.91 14.26
CA GLU B 151 14.46 -1.27 15.12
C GLU B 151 15.21 -2.53 14.63
N ARG B 152 14.45 -3.46 14.08
CA ARG B 152 14.95 -4.81 13.79
C ARG B 152 15.56 -4.96 12.39
N ARG B 153 15.37 -3.97 11.52
CA ARG B 153 15.92 -4.05 10.16
C ARG B 153 17.44 -4.25 10.12
N LEU B 154 18.16 -3.48 10.92
CA LEU B 154 19.62 -3.54 10.99
C LEU B 154 20.07 -4.95 11.33
N GLU B 155 19.41 -5.56 12.32
CA GLU B 155 19.72 -6.95 12.71
C GLU B 155 19.37 -7.97 11.63
N GLN B 156 18.23 -7.78 10.98
CA GLN B 156 17.84 -8.65 9.87
C GLN B 156 18.82 -8.60 8.71
N GLN B 157 19.31 -7.42 8.40
CA GLN B 157 20.29 -7.22 7.35
C GLN B 157 21.66 -7.82 7.77
N ASP B 158 22.06 -7.54 9.02
CA ASP B 158 23.33 -8.02 9.62
C ASP B 158 24.53 -7.74 8.70
N ASP B 159 24.77 -6.46 8.42
CA ASP B 159 25.87 -6.00 7.56
C ASP B 159 27.05 -5.49 8.42
N SER B 160 28.17 -6.21 8.40
CA SER B 160 29.40 -5.74 9.06
C SER B 160 29.99 -4.50 8.41
N GLU B 161 29.72 -4.29 7.13
CA GLU B 161 30.34 -3.23 6.37
C GLU B 161 29.27 -2.33 5.72
N PRO B 162 28.53 -1.56 6.54
CA PRO B 162 27.37 -0.83 6.04
C PRO B 162 27.74 0.25 5.02
N GLU B 163 26.91 0.34 3.98
CA GLU B 163 27.06 1.36 2.96
C GLU B 163 26.78 2.74 3.52
N VAL B 164 27.69 3.66 3.25
CA VAL B 164 27.51 5.03 3.70
C VAL B 164 26.99 5.89 2.54
N ALA B 165 27.12 5.39 1.31
CA ALA B 165 26.87 6.21 0.11
C ALA B 165 25.62 5.81 -0.70
N VAL B 166 24.94 6.81 -1.22
CA VAL B 166 23.98 6.61 -2.30
C VAL B 166 24.41 7.47 -3.50
N ARG B 167 24.04 7.02 -4.69
CA ARG B 167 24.27 7.78 -5.92
C ARG B 167 22.94 8.45 -6.27
N ARG B 168 23.00 9.76 -6.54
CA ARG B 168 21.83 10.54 -6.91
C ARG B 168 22.07 11.23 -8.24
N THR B 169 21.02 11.32 -9.06
CA THR B 169 21.14 11.95 -10.39
C THR B 169 20.16 13.11 -10.58
N LEU B 170 20.68 14.22 -11.09
CA LEU B 170 19.88 15.43 -11.35
C LEU B 170 19.05 15.34 -12.63
N GLN B 171 18.29 16.41 -12.91
CA GLN B 171 17.51 16.53 -14.15
C GLN B 171 18.40 16.44 -15.38
N ASP B 172 19.44 17.26 -15.43
CA ASP B 172 20.36 17.29 -16.56
C ASP B 172 21.21 16.04 -16.66
N GLY B 173 21.07 15.12 -15.72
CA GLY B 173 21.84 13.87 -15.73
C GLY B 173 23.16 13.90 -14.98
N ARG B 174 23.50 15.01 -14.33
CA ARG B 174 24.67 15.01 -13.44
C ARG B 174 24.44 14.07 -12.27
N SER B 175 25.53 13.48 -11.78
CA SER B 175 25.45 12.41 -10.80
C SER B 175 26.37 12.68 -9.64
N PHE B 176 25.89 12.38 -8.44
CA PHE B 176 26.66 12.67 -7.22
C PHE B 176 26.53 11.55 -6.19
N ARG B 177 27.63 11.30 -5.49
CA ARG B 177 27.63 10.42 -4.35
C ARG B 177 27.39 11.25 -3.08
N ILE B 178 26.46 10.78 -2.25
CA ILE B 178 26.01 11.51 -1.05
C ILE B 178 26.09 10.59 0.17
N VAL B 179 26.12 11.14 1.39
CA VAL B 179 25.98 10.33 2.60
C VAL B 179 24.50 10.11 2.85
N LYS B 180 24.08 8.87 3.11
CA LYS B 180 22.71 8.59 3.56
C LYS B 180 22.62 7.44 4.59
N VAL B 181 22.76 7.79 5.88
CA VAL B 181 22.70 6.78 6.95
C VAL B 181 21.36 6.79 7.69
N PHE B 182 20.56 5.73 7.49
CA PHE B 182 19.34 5.50 8.26
C PHE B 182 19.68 4.99 9.68
N ARG B 183 19.15 5.67 10.69
CA ARG B 183 19.45 5.34 12.07
C ARG B 183 18.14 5.25 12.81
N SER B 184 17.92 4.14 13.51
CA SER B 184 16.65 3.96 14.21
C SER B 184 16.62 4.89 15.42
N PRO B 185 15.42 5.13 15.97
CA PRO B 185 15.32 5.87 17.24
C PRO B 185 16.26 5.27 18.32
N ALA B 186 16.14 3.96 18.54
CA ALA B 186 16.95 3.26 19.55
C ALA B 186 18.45 3.42 19.33
N GLU B 187 18.88 3.33 18.08
CA GLU B 187 20.30 3.51 17.77
C GLU B 187 20.76 4.92 18.11
N LEU B 188 20.02 5.94 17.66
CA LEU B 188 20.37 7.33 17.97
C LEU B 188 20.38 7.60 19.48
N THR B 189 19.39 7.05 20.18
CA THR B 189 19.30 7.21 21.63
C THR B 189 20.55 6.65 22.34
N GLU B 190 20.88 5.40 22.03
CA GLU B 190 22.13 4.78 22.51
C GLU B 190 23.35 5.66 22.25
N ARG B 191 23.54 6.07 21.00
CA ARG B 191 24.75 6.82 20.62
C ARG B 191 24.82 8.13 21.35
N LEU B 192 23.72 8.87 21.35
CA LEU B 192 23.73 10.20 21.92
C LEU B 192 23.76 10.15 23.45
N THR B 193 23.14 9.13 24.04
CA THR B 193 23.19 8.96 25.50
C THR B 193 24.66 8.78 25.93
N ALA B 194 25.38 7.93 25.19
CA ALA B 194 26.79 7.70 25.44
C ALA B 194 27.55 9.02 25.39
N LEU B 195 27.14 9.93 24.53
CA LEU B 195 27.78 11.25 24.45
C LEU B 195 27.27 12.29 25.43
N GLY B 196 26.45 11.88 26.41
CA GLY B 196 25.99 12.80 27.46
C GLY B 196 24.63 13.43 27.24
N TRP B 197 23.92 13.03 26.19
CA TRP B 197 22.62 13.64 25.89
C TRP B 197 21.45 12.86 26.50
N SER B 198 20.42 13.58 26.91
CA SER B 198 19.14 12.99 27.29
C SER B 198 18.18 13.14 26.11
N CYS B 199 17.75 12.00 25.56
CA CYS B 199 17.07 11.99 24.28
C CYS B 199 15.66 11.39 24.33
N SER B 200 14.72 12.05 23.65
CA SER B 200 13.42 11.47 23.33
C SER B 200 13.28 11.40 21.80
N VAL B 201 13.57 10.25 21.24
CA VAL B 201 13.58 10.06 19.78
C VAL B 201 12.40 9.14 19.44
N ASP B 202 11.51 9.61 18.58
CA ASP B 202 10.24 8.90 18.31
C ASP B 202 9.97 8.85 16.84
N GLU B 203 9.52 7.69 16.36
CA GLU B 203 9.06 7.56 14.99
C GLU B 203 7.70 8.18 14.99
N VAL B 204 7.49 9.24 14.22
CA VAL B 204 6.21 9.96 14.34
C VAL B 204 5.29 9.67 13.17
N HIS B 205 5.88 9.10 12.13
CA HIS B 205 5.22 8.69 10.92
C HIS B 205 6.12 7.64 10.32
N PRO B 206 5.53 6.58 9.70
CA PRO B 206 6.36 5.52 9.15
C PRO B 206 7.48 6.14 8.32
N GLY B 207 8.71 5.77 8.60
CA GLY B 207 9.86 6.29 7.85
C GLY B 207 10.51 7.55 8.41
N PHE B 208 9.86 8.19 9.40
CA PHE B 208 10.30 9.49 9.92
C PHE B 208 10.38 9.59 11.44
N LEU B 209 11.42 10.25 11.91
CA LEU B 209 11.60 10.41 13.34
C LEU B 209 11.68 11.88 13.74
N TYR B 210 11.30 12.18 14.97
CA TYR B 210 11.48 13.49 15.57
C TYR B 210 12.21 13.24 16.89
N ALA B 211 13.23 14.02 17.16
CA ALA B 211 14.00 13.87 18.40
C ALA B 211 14.08 15.17 19.16
N THR B 212 14.01 15.05 20.49
CA THR B 212 14.29 16.14 21.40
C THR B 212 15.49 15.72 22.27
N CYS B 213 16.57 16.48 22.21
CA CYS B 213 17.80 16.12 22.97
C CYS B 213 18.28 17.26 23.84
N ARG B 214 18.63 16.92 25.08
CA ARG B 214 19.10 17.88 26.07
C ARG B 214 20.53 17.51 26.49
N PRO B 215 21.42 18.52 26.57
CA PRO B 215 22.87 18.33 26.79
C PRO B 215 23.21 18.18 28.28
N LEU C 7 30.53 -13.40 -5.98
CA LEU C 7 29.50 -12.94 -4.98
C LEU C 7 28.47 -14.04 -4.73
N ILE C 8 27.94 -14.59 -5.81
CA ILE C 8 27.07 -15.74 -5.73
C ILE C 8 27.80 -16.92 -5.10
N GLU C 9 29.08 -17.10 -5.47
CA GLU C 9 29.93 -18.19 -4.94
C GLU C 9 30.25 -17.90 -3.50
N SER C 10 30.54 -16.63 -3.25
CA SER C 10 30.87 -16.15 -1.93
C SER C 10 29.70 -16.44 -0.99
N GLN C 11 28.48 -16.20 -1.47
CA GLN C 11 27.28 -16.41 -0.68
C GLN C 11 27.08 -17.88 -0.35
N LEU C 12 27.28 -18.75 -1.34
CA LEU C 12 27.20 -20.20 -1.08
C LEU C 12 28.25 -20.69 -0.06
N SER C 13 29.51 -20.27 -0.23
CA SER C 13 30.58 -20.66 0.70
C SER C 13 30.31 -20.23 2.13
N TYR C 14 29.67 -19.07 2.29
CA TYR C 14 29.22 -18.60 3.60
C TYR C 14 28.22 -19.58 4.21
N TYR C 15 27.23 -20.03 3.44
CA TYR C 15 26.28 -20.97 4.02
C TYR C 15 26.87 -22.35 4.28
N ARG C 16 27.71 -22.84 3.36
CA ARG C 16 28.54 -24.04 3.60
C ARG C 16 29.30 -23.96 4.93
N ALA C 17 30.02 -22.86 5.15
CA ALA C 17 30.76 -22.66 6.39
C ALA C 17 29.86 -22.53 7.61
N ARG C 18 28.71 -21.90 7.42
CA ARG C 18 27.81 -21.61 8.53
C ARG C 18 26.92 -22.82 8.91
N ALA C 19 26.89 -23.82 8.05
CA ALA C 19 25.94 -24.92 8.19
C ALA C 19 25.95 -25.60 9.57
N SER C 20 27.12 -25.82 10.16
CA SER C 20 27.16 -26.55 11.42
C SER C 20 26.68 -25.72 12.62
N GLU C 21 26.77 -24.40 12.50
CA GLU C 21 26.24 -23.49 13.53
C GLU C 21 24.91 -22.77 13.13
N TYR C 22 24.32 -23.11 11.97
CA TYR C 22 23.18 -22.34 11.45
C TYR C 22 21.98 -22.31 12.39
N ASP C 23 21.56 -23.46 12.87
CA ASP C 23 20.46 -23.56 13.81
C ASP C 23 20.77 -22.92 15.17
N ALA C 24 22.05 -22.61 15.39
CA ALA C 24 22.47 -21.99 16.64
C ALA C 24 22.23 -20.48 16.60
N THR C 25 22.02 -19.93 15.41
CA THR C 25 21.77 -18.48 15.29
C THR C 25 20.47 -18.22 14.53
N PHE C 26 20.35 -18.89 13.38
CA PHE C 26 19.12 -18.97 12.57
C PHE C 26 18.84 -17.61 11.94
N VAL C 27 17.61 -17.37 11.49
CA VAL C 27 17.31 -16.12 10.82
C VAL C 27 16.82 -15.12 11.89
N PRO C 28 17.46 -13.93 11.99
CA PRO C 28 17.06 -13.02 13.06
C PRO C 28 15.57 -12.74 13.06
N TYR C 29 14.94 -12.95 14.21
CA TYR C 29 13.49 -12.67 14.44
C TYR C 29 12.51 -13.58 13.71
N MET C 30 13.02 -14.53 12.93
CA MET C 30 12.14 -15.53 12.32
C MET C 30 11.27 -16.20 13.42
N ASP C 31 11.88 -16.51 14.56
CA ASP C 31 11.12 -17.07 15.69
C ASP C 31 9.97 -16.19 16.21
N SER C 32 10.10 -14.87 16.08
CA SER C 32 9.00 -13.95 16.47
C SER C 32 7.84 -14.09 15.51
N ALA C 33 8.18 -14.27 14.23
CA ALA C 33 7.27 -14.22 13.08
C ALA C 33 6.70 -15.57 12.67
N ALA C 34 7.27 -16.66 13.20
CA ALA C 34 6.85 -18.02 12.82
C ALA C 34 5.35 -18.30 12.95
N PRO C 35 4.72 -17.98 14.10
CA PRO C 35 3.30 -18.31 14.19
C PRO C 35 2.45 -17.63 13.12
N ALA C 36 2.71 -16.36 12.85
CA ALA C 36 1.95 -15.62 11.83
C ALA C 36 2.18 -16.24 10.43
N ALA C 37 3.41 -16.68 10.17
CA ALA C 37 3.76 -17.29 8.88
C ALA C 37 3.11 -18.65 8.71
N LEU C 38 3.03 -19.38 9.82
CA LEU C 38 2.42 -20.69 9.87
C LEU C 38 0.89 -20.64 9.61
N GLU C 39 0.23 -19.54 9.98
CA GLU C 39 -1.21 -19.38 9.65
C GLU C 39 -1.42 -19.40 8.14
N ARG C 40 -0.48 -18.82 7.41
CA ARG C 40 -0.53 -18.88 5.95
C ARG C 40 -0.06 -20.21 5.44
N LEU C 41 1.00 -20.76 6.03
CA LEU C 41 1.55 -22.04 5.55
C LEU C 41 0.50 -23.14 5.66
N ARG C 42 -0.32 -23.07 6.71
CA ARG C 42 -1.27 -24.14 7.01
C ARG C 42 -2.63 -23.92 6.37
N ALA C 43 -2.75 -22.90 5.52
CA ALA C 43 -4.02 -22.61 4.86
C ALA C 43 -4.47 -23.70 3.84
N GLY C 44 -3.60 -24.68 3.58
CA GLY C 44 -3.93 -25.78 2.69
C GLY C 44 -3.37 -25.80 1.27
N ASN C 45 -2.58 -24.80 0.87
CA ASN C 45 -1.96 -24.79 -0.48
C ASN C 45 -0.75 -25.70 -0.59
N ILE C 46 -0.02 -25.83 0.51
CA ILE C 46 1.07 -26.79 0.62
C ILE C 46 0.50 -28.16 0.92
N ARG C 47 0.51 -29.03 -0.10
CA ARG C 47 -0.07 -30.36 -0.03
C ARG C 47 0.38 -31.17 -1.25
N GLY C 48 0.18 -32.47 -1.23
CA GLY C 48 0.55 -33.30 -2.38
C GLY C 48 2.05 -33.45 -2.50
N ASP C 49 2.55 -33.32 -3.73
CA ASP C 49 3.97 -33.38 -4.03
C ASP C 49 4.59 -32.01 -3.98
N VAL C 50 5.51 -31.82 -3.04
CA VAL C 50 6.01 -30.48 -2.76
C VAL C 50 7.51 -30.33 -3.01
N LEU C 51 7.86 -29.23 -3.66
CA LEU C 51 9.24 -28.85 -3.87
C LEU C 51 9.61 -27.69 -2.94
N GLU C 52 10.67 -27.88 -2.15
CA GLU C 52 11.24 -26.81 -1.36
C GLU C 52 12.58 -26.36 -1.91
N LEU C 53 12.75 -25.06 -2.00
CA LEU C 53 14.03 -24.51 -2.46
C LEU C 53 14.82 -23.90 -1.29
N ALA C 54 16.14 -24.11 -1.29
CA ALA C 54 17.09 -23.63 -0.28
C ALA C 54 16.68 -24.08 1.12
N SER C 55 16.47 -25.39 1.26
CA SER C 55 15.94 -25.94 2.51
C SER C 55 16.82 -25.74 3.75
N GLY C 56 18.13 -25.52 3.59
CA GLY C 56 19.02 -25.30 4.73
C GLY C 56 19.02 -26.46 5.71
N THR C 57 18.90 -26.14 6.99
CA THR C 57 18.89 -27.17 8.03
C THR C 57 17.52 -27.80 8.20
N GLY C 58 16.56 -27.39 7.36
CA GLY C 58 15.26 -28.03 7.31
C GLY C 58 14.20 -27.56 8.31
N TYR C 59 14.32 -26.31 8.79
CA TYR C 59 13.31 -25.76 9.70
C TYR C 59 11.93 -25.79 9.04
N TRP C 60 11.83 -25.33 7.80
CA TRP C 60 10.56 -25.35 7.09
C TRP C 60 10.26 -26.73 6.56
N THR C 61 11.31 -27.46 6.20
CA THR C 61 11.20 -28.84 5.73
C THR C 61 10.40 -29.70 6.70
N ARG C 62 10.62 -29.53 8.00
CA ARG C 62 9.86 -30.28 8.98
C ARG C 62 8.35 -29.97 8.87
N HIS C 63 7.99 -28.71 8.67
CA HIS C 63 6.57 -28.38 8.52
C HIS C 63 6.04 -28.96 7.22
N LEU C 64 6.81 -28.79 6.15
CA LEU C 64 6.39 -29.30 4.86
C LEU C 64 6.18 -30.81 4.88
N SER C 65 7.08 -31.52 5.55
CA SER C 65 6.98 -32.98 5.67
C SER C 65 5.60 -33.39 6.23
N GLY C 66 5.19 -32.74 7.32
CA GLY C 66 3.87 -32.96 7.91
C GLY C 66 2.67 -32.58 7.05
N LEU C 67 2.82 -31.65 6.11
CA LEU C 67 1.70 -31.19 5.30
C LEU C 67 1.54 -31.95 3.99
N ALA C 68 2.63 -32.50 3.50
CA ALA C 68 2.68 -33.00 2.14
C ALA C 68 2.79 -34.51 2.17
N ASP C 69 2.45 -35.14 1.04
CA ASP C 69 2.75 -36.55 0.79
C ASP C 69 4.27 -36.73 0.65
N ARG C 70 4.87 -35.99 -0.28
CA ARG C 70 6.30 -36.10 -0.57
C ARG C 70 6.94 -34.73 -0.66
N VAL C 71 8.12 -34.59 -0.08
CA VAL C 71 8.89 -33.37 -0.23
C VAL C 71 10.21 -33.63 -1.00
N THR C 72 10.45 -32.85 -2.04
CA THR C 72 11.78 -32.74 -2.61
C THR C 72 12.39 -31.41 -2.14
N ALA C 73 13.51 -31.51 -1.43
CA ALA C 73 14.17 -30.37 -0.82
C ALA C 73 15.53 -30.10 -1.47
N LEU C 74 15.68 -28.92 -2.06
CA LEU C 74 16.92 -28.56 -2.72
C LEU C 74 17.76 -27.57 -1.89
N ASP C 75 19.07 -27.75 -1.89
CA ASP C 75 19.99 -26.78 -1.30
C ASP C 75 21.33 -26.88 -1.98
N GLY C 76 22.03 -25.76 -2.03
CA GLY C 76 23.34 -25.69 -2.66
C GLY C 76 24.42 -26.34 -1.81
N SER C 77 24.15 -26.49 -0.52
CA SER C 77 25.15 -26.96 0.42
C SER C 77 24.90 -28.37 0.94
N ALA C 78 25.89 -29.24 0.71
CA ALA C 78 25.89 -30.63 1.18
C ALA C 78 25.92 -30.66 2.69
N GLU C 79 26.61 -29.71 3.29
CA GLU C 79 26.65 -29.60 4.75
C GLU C 79 25.25 -29.31 5.30
N MET C 80 24.49 -28.42 4.62
CA MET C 80 23.15 -28.06 5.08
C MET C 80 22.26 -29.28 5.02
N ILE C 81 22.35 -30.00 3.91
CA ILE C 81 21.60 -31.24 3.69
C ILE C 81 21.89 -32.23 4.79
N ALA C 82 23.17 -32.37 5.16
CA ALA C 82 23.57 -33.28 6.21
C ALA C 82 22.91 -32.88 7.53
N GLU C 83 22.99 -31.60 7.88
CA GLU C 83 22.30 -31.08 9.06
C GLU C 83 20.80 -31.35 9.03
N ALA C 84 20.19 -31.14 7.87
CA ALA C 84 18.75 -31.36 7.72
C ALA C 84 18.38 -32.83 7.94
N GLY C 85 19.32 -33.74 7.64
CA GLY C 85 19.15 -35.19 7.88
C GLY C 85 18.83 -35.53 9.33
N ARG C 86 19.22 -34.64 10.24
CA ARG C 86 18.93 -34.80 11.68
C ARG C 86 17.43 -34.90 12.05
N HIS C 87 16.54 -34.43 11.19
CA HIS C 87 15.10 -34.44 11.49
C HIS C 87 14.44 -35.79 11.24
N GLY C 88 15.14 -36.65 10.50
CA GLY C 88 14.67 -38.01 10.24
C GLY C 88 13.34 -38.05 9.54
N LEU C 89 13.15 -37.17 8.56
CA LEU C 89 11.88 -37.07 7.84
C LEU C 89 11.77 -38.12 6.74
N ASP C 90 10.78 -39.01 6.86
CA ASP C 90 10.66 -40.19 5.99
C ASP C 90 10.19 -39.91 4.57
N ASN C 91 9.47 -38.80 4.39
CA ASN C 91 8.89 -38.50 3.09
C ASN C 91 9.64 -37.37 2.37
N VAL C 92 10.88 -37.13 2.79
CA VAL C 92 11.69 -36.07 2.19
C VAL C 92 12.94 -36.62 1.50
N GLU C 93 13.12 -36.26 0.24
CA GLU C 93 14.35 -36.52 -0.46
C GLU C 93 15.12 -35.20 -0.62
N PHE C 94 16.34 -35.15 -0.10
CA PHE C 94 17.22 -34.00 -0.26
C PHE C 94 18.09 -34.12 -1.50
N ARG C 95 18.29 -33.02 -2.21
CA ARG C 95 19.18 -32.97 -3.37
C ARG C 95 20.08 -31.74 -3.32
N GLN C 96 21.35 -31.91 -3.65
CA GLN C 96 22.26 -30.77 -3.77
C GLN C 96 22.07 -30.12 -5.14
N GLN C 97 21.80 -28.82 -5.17
CA GLN C 97 21.50 -28.13 -6.41
C GLN C 97 21.87 -26.67 -6.27
N ASP C 98 22.66 -26.15 -7.21
CA ASP C 98 22.89 -24.73 -7.31
C ASP C 98 21.67 -24.12 -8.01
N LEU C 99 20.94 -23.23 -7.32
CA LEU C 99 19.66 -22.67 -7.84
C LEU C 99 19.84 -21.58 -8.90
N PHE C 100 21.09 -21.13 -9.06
CA PHE C 100 21.42 -20.19 -10.12
C PHE C 100 21.77 -20.87 -11.44
N ASP C 101 21.83 -22.20 -11.44
CA ASP C 101 22.14 -22.98 -12.62
C ASP C 101 21.24 -24.20 -12.57
N TRP C 102 19.97 -23.98 -12.86
CA TRP C 102 18.93 -24.95 -12.48
C TRP C 102 17.72 -24.85 -13.39
N THR C 103 17.42 -25.95 -14.06
CA THR C 103 16.12 -26.08 -14.74
C THR C 103 15.55 -27.41 -14.32
N PRO C 104 14.39 -27.38 -13.66
CA PRO C 104 13.78 -28.59 -13.14
C PRO C 104 13.30 -29.56 -14.26
N ASP C 105 13.05 -30.80 -13.84
CA ASP C 105 12.75 -31.97 -14.66
C ASP C 105 11.28 -32.22 -14.84
N ARG C 106 10.53 -31.78 -13.87
CA ARG C 106 9.18 -32.22 -13.70
C ARG C 106 8.49 -31.09 -12.94
N GLN C 107 7.24 -31.33 -12.57
CA GLN C 107 6.42 -30.36 -11.89
C GLN C 107 6.03 -30.90 -10.53
N TRP C 108 5.65 -29.98 -9.64
CA TRP C 108 5.24 -30.30 -8.29
C TRP C 108 3.92 -29.54 -8.04
N ASP C 109 3.10 -30.01 -7.11
CA ASP C 109 1.85 -29.31 -6.76
C ASP C 109 2.10 -27.95 -6.09
N ALA C 110 3.21 -27.84 -5.36
CA ALA C 110 3.50 -26.59 -4.67
C ALA C 110 5.00 -26.42 -4.55
N VAL C 111 5.44 -25.18 -4.64
CA VAL C 111 6.84 -24.84 -4.43
C VAL C 111 6.89 -23.88 -3.24
N PHE C 112 7.83 -24.13 -2.32
CA PHE C 112 8.02 -23.30 -1.14
C PHE C 112 9.49 -22.95 -0.96
N PHE C 113 9.76 -21.73 -0.52
CA PHE C 113 11.07 -21.38 0.01
C PHE C 113 10.94 -20.27 1.08
N ALA C 114 11.80 -20.32 2.09
CA ALA C 114 11.88 -19.31 3.13
C ALA C 114 13.28 -18.72 3.12
N HIS C 115 13.33 -17.38 3.07
CA HIS C 115 14.57 -16.64 3.16
C HIS C 115 15.56 -17.07 2.10
N TRP C 116 15.05 -17.24 0.89
CA TRP C 116 15.87 -17.52 -0.29
C TRP C 116 15.84 -16.33 -1.25
N LEU C 117 14.64 -15.83 -1.57
CA LEU C 117 14.50 -14.78 -2.58
C LEU C 117 15.36 -13.51 -2.29
N ALA C 118 15.50 -13.11 -1.03
CA ALA C 118 16.32 -11.93 -0.72
C ALA C 118 17.82 -12.18 -1.03
N HIS C 119 18.17 -13.44 -1.25
CA HIS C 119 19.52 -13.83 -1.67
C HIS C 119 19.71 -13.97 -3.18
N VAL C 120 18.63 -13.69 -3.91
CA VAL C 120 18.62 -13.68 -5.37
C VAL C 120 18.78 -12.23 -5.82
N PRO C 121 19.91 -11.89 -6.45
CA PRO C 121 20.12 -10.53 -6.93
C PRO C 121 19.19 -10.21 -8.13
N ASP C 122 18.95 -8.93 -8.35
CA ASP C 122 18.00 -8.47 -9.37
C ASP C 122 18.31 -8.96 -10.75
N ASP C 123 19.61 -9.06 -11.06
CA ASP C 123 20.04 -9.56 -12.37
C ASP C 123 19.84 -11.08 -12.55
N ARG C 124 19.47 -11.80 -11.48
CA ARG C 124 19.21 -13.25 -11.58
C ARG C 124 17.75 -13.62 -11.30
N PHE C 125 16.96 -12.61 -11.00
CA PHE C 125 15.62 -12.73 -10.46
C PHE C 125 14.67 -13.38 -11.49
N GLU C 126 14.64 -12.80 -12.69
CA GLU C 126 13.78 -13.31 -13.76
C GLU C 126 14.10 -14.76 -14.13
N ALA C 127 15.39 -15.07 -14.32
CA ALA C 127 15.81 -16.44 -14.66
C ALA C 127 15.37 -17.40 -13.56
N PHE C 128 15.61 -16.99 -12.30
CA PHE C 128 15.18 -17.81 -11.16
C PHE C 128 13.70 -18.11 -11.26
N TRP C 129 12.93 -17.08 -11.57
CA TRP C 129 11.48 -17.22 -11.57
C TRP C 129 10.94 -17.95 -12.78
N GLU C 130 11.68 -17.94 -13.90
CA GLU C 130 11.32 -18.78 -15.04
C GLU C 130 11.47 -20.27 -14.70
N SER C 131 12.58 -20.64 -14.06
CA SER C 131 12.72 -22.00 -13.57
C SER C 131 11.60 -22.43 -12.59
N VAL C 132 11.32 -21.58 -11.58
CA VAL C 132 10.19 -21.82 -10.66
C VAL C 132 8.87 -22.02 -11.42
N ARG C 133 8.58 -21.14 -12.38
CA ARG C 133 7.38 -21.27 -13.22
C ARG C 133 7.26 -22.69 -13.79
N SER C 134 8.35 -23.20 -14.36
CA SER C 134 8.30 -24.48 -15.03
C SER C 134 8.23 -25.68 -14.06
N ALA C 135 8.50 -25.44 -12.77
CA ALA C 135 8.35 -26.47 -11.74
C ALA C 135 6.93 -26.57 -11.16
N VAL C 136 6.06 -25.63 -11.53
CA VAL C 136 4.70 -25.59 -10.97
C VAL C 136 3.71 -26.34 -11.85
N ALA C 137 3.01 -27.30 -11.25
CA ALA C 137 1.99 -28.09 -11.95
C ALA C 137 0.76 -27.22 -12.23
N PRO C 138 -0.03 -27.57 -13.27
CA PRO C 138 -1.36 -26.93 -13.47
C PRO C 138 -2.16 -26.86 -12.17
N GLY C 139 -2.60 -25.65 -11.81
CA GLY C 139 -3.33 -25.44 -10.54
C GLY C 139 -2.50 -25.43 -9.27
N GLY C 140 -1.17 -25.44 -9.41
CA GLY C 140 -0.26 -25.40 -8.25
C GLY C 140 0.06 -23.97 -7.83
N VAL C 141 0.82 -23.83 -6.76
CA VAL C 141 1.12 -22.52 -6.23
C VAL C 141 2.58 -22.46 -5.80
N VAL C 142 3.10 -21.24 -5.75
CA VAL C 142 4.37 -20.99 -5.14
C VAL C 142 4.06 -20.18 -3.88
N GLU C 143 4.56 -20.66 -2.74
CA GLU C 143 4.52 -19.87 -1.51
C GLU C 143 5.91 -19.59 -0.99
N PHE C 144 6.12 -18.43 -0.40
CA PHE C 144 7.38 -18.12 0.23
C PHE C 144 7.33 -17.14 1.39
N VAL C 145 8.33 -17.24 2.25
CA VAL C 145 8.51 -16.37 3.39
C VAL C 145 9.80 -15.60 3.16
N ASP C 146 9.83 -14.33 3.54
CA ASP C 146 11.06 -13.56 3.46
C ASP C 146 11.02 -12.35 4.38
N VAL C 147 12.14 -11.65 4.48
CA VAL C 147 12.17 -10.35 5.11
C VAL C 147 11.36 -9.38 4.24
N THR C 148 10.91 -8.29 4.85
CA THR C 148 10.42 -7.20 4.04
C THR C 148 10.71 -5.84 4.64
N ASP C 149 10.48 -4.81 3.83
CA ASP C 149 10.59 -3.40 4.19
C ASP C 149 9.21 -2.76 4.06
N HIS C 150 8.98 -1.67 4.80
CA HIS C 150 7.91 -0.72 4.50
C HIS C 150 8.13 -0.22 3.08
N GLU C 151 7.04 -0.07 2.35
CA GLU C 151 7.10 0.30 0.95
C GLU C 151 7.70 1.67 0.63
N ARG C 152 7.71 2.59 1.59
CA ARG C 152 8.16 3.96 1.29
C ARG C 152 9.69 4.11 1.33
N ARG C 153 10.37 3.14 1.95
CA ARG C 153 11.80 3.20 2.23
C ARG C 153 12.68 3.34 0.98
N LEU C 154 12.49 2.44 0.01
CA LEU C 154 13.23 2.50 -1.25
C LEU C 154 13.31 3.94 -1.80
N GLU C 155 12.19 4.66 -1.74
CA GLU C 155 12.14 6.00 -2.29
C GLU C 155 12.77 7.05 -1.36
N GLN C 156 12.65 6.86 -0.05
CA GLN C 156 13.32 7.76 0.90
C GLN C 156 14.85 7.72 0.71
N GLN C 157 15.38 6.50 0.54
CA GLN C 157 16.80 6.30 0.28
C GLN C 157 17.21 6.88 -1.11
N ASP C 158 16.39 6.61 -2.13
CA ASP C 158 16.59 7.13 -3.50
C ASP C 158 18.01 6.86 -4.02
N ASP C 159 18.33 5.58 -4.25
CA ASP C 159 19.66 5.15 -4.67
C ASP C 159 19.62 4.64 -6.13
N SER C 160 20.29 5.36 -7.02
CA SER C 160 20.44 4.91 -8.43
C SER C 160 21.16 3.56 -8.52
N GLU C 161 22.12 3.36 -7.63
CA GLU C 161 23.00 2.22 -7.74
C GLU C 161 22.98 1.46 -6.43
N PRO C 162 21.85 0.79 -6.12
CA PRO C 162 21.75 0.14 -4.79
C PRO C 162 22.78 -0.98 -4.65
N GLU C 163 23.62 -0.90 -3.62
CA GLU C 163 24.67 -1.92 -3.42
C GLU C 163 24.07 -3.21 -2.86
N VAL C 164 24.16 -4.26 -3.66
CA VAL C 164 23.57 -5.58 -3.37
C VAL C 164 24.07 -6.23 -2.07
N ALA C 165 25.36 -6.02 -1.77
CA ALA C 165 26.08 -6.94 -0.90
C ALA C 165 26.14 -6.52 0.55
N VAL C 166 26.06 -7.50 1.45
CA VAL C 166 26.33 -7.23 2.84
C VAL C 166 27.48 -8.12 3.28
N ARG C 167 28.22 -7.69 4.28
CA ARG C 167 29.29 -8.52 4.81
C ARG C 167 28.80 -9.25 6.06
N ARG C 168 29.06 -10.55 6.09
CA ARG C 168 28.73 -11.36 7.23
C ARG C 168 30.02 -11.93 7.81
N THR C 169 30.15 -11.81 9.11
CA THR C 169 31.33 -12.30 9.77
C THR C 169 30.93 -13.37 10.75
N LEU C 170 31.44 -14.59 10.53
CA LEU C 170 31.33 -15.65 11.51
C LEU C 170 32.04 -15.24 12.81
N GLN C 171 31.74 -15.93 13.91
CA GLN C 171 32.35 -15.63 15.20
C GLN C 171 33.83 -16.02 15.16
N ASP C 172 34.12 -17.01 14.30
CA ASP C 172 35.46 -17.56 14.08
C ASP C 172 36.33 -16.61 13.24
N GLY C 173 35.77 -15.48 12.84
CA GLY C 173 36.53 -14.43 12.15
C GLY C 173 36.36 -14.35 10.65
N ARG C 174 36.18 -15.52 10.01
CA ARG C 174 35.95 -15.58 8.56
C ARG C 174 34.82 -14.68 8.11
N SER C 175 35.06 -13.99 7.00
CA SER C 175 34.17 -12.95 6.53
C SER C 175 33.67 -13.33 5.14
N PHE C 176 32.41 -13.01 4.84
CA PHE C 176 31.82 -13.36 3.55
C PHE C 176 30.91 -12.24 3.05
N ARG C 177 30.94 -11.95 1.76
CA ARG C 177 29.97 -11.08 1.16
C ARG C 177 28.79 -11.91 0.65
N ILE C 178 27.58 -11.45 0.92
CA ILE C 178 26.38 -12.16 0.44
C ILE C 178 25.44 -11.16 -0.21
N VAL C 179 24.42 -11.68 -0.88
CA VAL C 179 23.30 -10.88 -1.37
C VAL C 179 22.24 -10.72 -0.25
N LYS C 180 21.71 -9.52 -0.09
CA LYS C 180 20.56 -9.30 0.80
C LYS C 180 19.73 -8.14 0.27
N VAL C 181 18.69 -8.45 -0.48
CA VAL C 181 17.81 -7.43 -1.07
C VAL C 181 16.42 -7.49 -0.39
N PHE C 182 16.08 -6.42 0.33
CA PHE C 182 14.77 -6.30 0.94
C PHE C 182 13.80 -5.76 -0.11
N ARG C 183 12.68 -6.44 -0.28
CA ARG C 183 11.70 -6.04 -1.29
C ARG C 183 10.35 -5.96 -0.61
N SER C 184 9.70 -4.81 -0.73
CA SER C 184 8.38 -4.61 -0.13
C SER C 184 7.35 -5.56 -0.75
N PRO C 185 6.20 -5.77 -0.08
CA PRO C 185 5.16 -6.55 -0.77
C PRO C 185 4.69 -5.93 -2.10
N ALA C 186 4.61 -4.60 -2.17
CA ALA C 186 4.26 -3.95 -3.47
C ALA C 186 5.31 -4.11 -4.56
N GLU C 187 6.61 -4.01 -4.25
CA GLU C 187 7.64 -4.20 -5.29
C GLU C 187 7.57 -5.62 -5.86
N LEU C 188 7.34 -6.59 -4.97
CA LEU C 188 7.34 -8.00 -5.34
C LEU C 188 6.10 -8.31 -6.21
N THR C 189 4.95 -7.79 -5.78
CA THR C 189 3.71 -7.95 -6.52
C THR C 189 3.84 -7.38 -7.95
N GLU C 190 4.27 -6.12 -8.05
CA GLU C 190 4.49 -5.50 -9.35
C GLU C 190 5.42 -6.28 -10.27
N ARG C 191 6.60 -6.70 -9.78
CA ARG C 191 7.57 -7.40 -10.65
C ARG C 191 7.11 -8.81 -11.00
N LEU C 192 6.44 -9.49 -10.07
CA LEU C 192 5.98 -10.83 -10.38
C LEU C 192 4.75 -10.82 -11.27
N THR C 193 3.90 -9.80 -11.12
CA THR C 193 2.74 -9.64 -12.00
C THR C 193 3.18 -9.43 -13.45
N ALA C 194 4.25 -8.66 -13.64
CA ALA C 194 4.81 -8.41 -14.97
C ALA C 194 5.46 -9.65 -15.58
N LEU C 195 5.71 -10.68 -14.76
CA LEU C 195 6.21 -11.97 -15.22
C LEU C 195 5.10 -13.02 -15.28
N GLY C 196 3.84 -12.59 -15.17
CA GLY C 196 2.71 -13.50 -15.38
C GLY C 196 2.09 -14.15 -14.14
N TRP C 197 2.52 -13.76 -12.94
CA TRP C 197 1.97 -14.38 -11.73
C TRP C 197 0.83 -13.57 -11.13
N SER C 198 -0.13 -14.24 -10.50
CA SER C 198 -1.12 -13.58 -9.66
C SER C 198 -0.67 -13.73 -8.21
N CYS C 199 -0.43 -12.61 -7.53
CA CYS C 199 0.26 -12.65 -6.25
C CYS C 199 -0.53 -12.09 -5.09
N SER C 200 -0.59 -12.84 -3.99
CA SER C 200 -1.06 -12.31 -2.73
C SER C 200 0.13 -12.26 -1.76
N VAL C 201 0.72 -11.08 -1.61
CA VAL C 201 1.93 -10.87 -0.82
C VAL C 201 1.60 -9.99 0.37
N ASP C 202 1.84 -10.49 1.57
CA ASP C 202 1.43 -9.77 2.77
C ASP C 202 2.53 -9.72 3.83
N GLU C 203 2.70 -8.56 4.44
CA GLU C 203 3.45 -8.49 5.66
C GLU C 203 2.64 -9.14 6.78
N VAL C 204 3.10 -10.28 7.26
CA VAL C 204 2.34 -10.99 8.27
C VAL C 204 2.82 -10.70 9.70
N HIS C 205 4.02 -10.13 9.82
CA HIS C 205 4.63 -9.76 11.09
C HIS C 205 5.64 -8.66 10.77
N PRO C 206 5.79 -7.68 11.66
CA PRO C 206 6.76 -6.62 11.32
C PRO C 206 8.11 -7.21 10.84
N GLY C 207 8.56 -6.78 9.66
CA GLY C 207 9.81 -7.25 9.11
C GLY C 207 9.73 -8.51 8.26
N PHE C 208 8.56 -9.17 8.20
CA PHE C 208 8.40 -10.40 7.41
C PHE C 208 7.20 -10.40 6.49
N LEU C 209 7.34 -11.01 5.30
CA LEU C 209 6.20 -11.21 4.43
C LEU C 209 5.95 -12.69 4.11
N TYR C 210 4.71 -12.98 3.71
CA TYR C 210 4.33 -14.27 3.15
C TYR C 210 3.64 -14.02 1.81
N ALA C 211 3.99 -14.84 0.81
CA ALA C 211 3.44 -14.70 -0.54
C ALA C 211 2.82 -15.98 -1.03
N THR C 212 1.70 -15.84 -1.75
CA THR C 212 1.13 -16.94 -2.53
C THR C 212 1.06 -16.47 -3.98
N CYS C 213 1.77 -17.21 -4.84
CA CYS C 213 1.86 -16.90 -6.26
C CYS C 213 1.31 -18.06 -7.12
N ARG C 214 0.43 -17.72 -8.05
CA ARG C 214 -0.24 -18.69 -8.93
C ARG C 214 0.14 -18.47 -10.39
N THR D 3 -31.83 -7.01 -14.71
CA THR D 3 -30.75 -7.96 -15.15
C THR D 3 -31.27 -8.98 -16.17
N SER D 4 -30.91 -8.77 -17.43
CA SER D 4 -31.30 -9.65 -18.55
C SER D 4 -30.78 -11.09 -18.37
N HIS D 5 -31.49 -12.04 -18.98
CA HIS D 5 -31.09 -13.45 -18.92
C HIS D 5 -29.75 -13.70 -19.60
N GLY D 6 -29.38 -12.76 -20.49
CA GLY D 6 -28.10 -12.77 -21.18
C GLY D 6 -26.93 -12.63 -20.24
N LEU D 7 -27.08 -11.79 -19.21
CA LEU D 7 -26.04 -11.59 -18.18
C LEU D 7 -25.85 -12.85 -17.31
N ILE D 8 -26.95 -13.52 -16.98
CA ILE D 8 -26.92 -14.78 -16.26
C ILE D 8 -26.19 -15.85 -17.07
N GLU D 9 -26.49 -15.92 -18.36
CA GLU D 9 -25.91 -16.94 -19.23
C GLU D 9 -24.47 -16.61 -19.56
N SER D 10 -24.19 -15.36 -19.91
CA SER D 10 -22.82 -14.99 -20.17
C SER D 10 -21.91 -15.21 -18.93
N GLN D 11 -22.42 -14.99 -17.72
CA GLN D 11 -21.67 -15.28 -16.49
C GLN D 11 -21.41 -16.79 -16.26
N LEU D 12 -22.43 -17.61 -16.53
CA LEU D 12 -22.27 -19.06 -16.47
C LEU D 12 -21.25 -19.52 -17.52
N SER D 13 -21.45 -19.08 -18.79
CA SER D 13 -20.58 -19.46 -19.89
C SER D 13 -19.15 -19.09 -19.53
N TYR D 14 -18.99 -17.90 -18.95
CA TYR D 14 -17.68 -17.44 -18.47
C TYR D 14 -16.99 -18.48 -17.56
N TYR D 15 -17.71 -18.94 -16.54
CA TYR D 15 -17.13 -19.89 -15.59
C TYR D 15 -16.99 -21.28 -16.23
N ARG D 16 -17.93 -21.64 -17.12
CA ARG D 16 -17.81 -22.88 -17.88
C ARG D 16 -16.51 -22.91 -18.70
N ALA D 17 -16.19 -21.80 -19.36
CA ALA D 17 -14.99 -21.64 -20.14
C ALA D 17 -13.72 -21.39 -19.29
N ARG D 18 -13.85 -20.72 -18.15
CA ARG D 18 -12.69 -20.47 -17.29
C ARG D 18 -12.23 -21.73 -16.53
N ALA D 19 -13.09 -22.75 -16.46
CA ALA D 19 -12.80 -23.98 -15.70
C ALA D 19 -11.37 -24.56 -15.81
N SER D 20 -10.87 -24.76 -17.04
CA SER D 20 -9.49 -25.30 -17.19
C SER D 20 -8.38 -24.54 -16.43
N GLU D 21 -8.42 -23.20 -16.52
CA GLU D 21 -7.34 -22.30 -16.06
C GLU D 21 -7.62 -21.60 -14.71
N TYR D 22 -8.72 -21.98 -14.05
CA TYR D 22 -9.26 -21.24 -12.90
C TYR D 22 -8.27 -21.08 -11.74
N ASP D 23 -7.71 -22.18 -11.28
CA ASP D 23 -6.74 -22.19 -10.18
C ASP D 23 -5.40 -21.54 -10.49
N ALA D 24 -5.13 -21.28 -11.78
CA ALA D 24 -3.92 -20.54 -12.21
C ALA D 24 -3.95 -19.08 -11.76
N THR D 25 -5.14 -18.59 -11.40
CA THR D 25 -5.39 -17.19 -11.05
C THR D 25 -6.18 -17.10 -9.73
N PHE D 26 -7.27 -17.87 -9.64
CA PHE D 26 -8.12 -17.94 -8.44
C PHE D 26 -8.88 -16.61 -8.22
N VAL D 27 -9.54 -16.47 -7.07
CA VAL D 27 -10.15 -15.19 -6.65
C VAL D 27 -9.05 -14.23 -6.13
N PRO D 28 -9.00 -12.99 -6.66
CA PRO D 28 -8.01 -11.99 -6.24
C PRO D 28 -7.89 -11.79 -4.72
N TYR D 29 -6.69 -12.03 -4.20
CA TYR D 29 -6.34 -11.81 -2.78
C TYR D 29 -7.05 -12.70 -1.79
N MET D 30 -7.78 -13.70 -2.28
CA MET D 30 -8.40 -14.70 -1.41
C MET D 30 -7.33 -15.42 -0.60
N ASP D 31 -6.17 -15.67 -1.21
CA ASP D 31 -5.00 -16.24 -0.53
C ASP D 31 -4.55 -15.41 0.71
N SER D 32 -4.65 -14.09 0.63
CA SER D 32 -4.39 -13.24 1.79
C SER D 32 -5.41 -13.44 2.90
N ALA D 33 -6.67 -13.65 2.51
CA ALA D 33 -7.82 -13.65 3.44
C ALA D 33 -8.13 -15.01 3.95
N ALA D 34 -7.55 -16.05 3.38
CA ALA D 34 -7.98 -17.42 3.72
C ALA D 34 -7.77 -17.77 5.21
N PRO D 35 -6.64 -17.39 5.81
CA PRO D 35 -6.52 -17.72 7.24
C PRO D 35 -7.58 -17.06 8.14
N ALA D 36 -7.94 -15.82 7.83
CA ALA D 36 -9.01 -15.17 8.59
C ALA D 36 -10.39 -15.85 8.35
N ALA D 37 -10.72 -16.22 7.12
CA ALA D 37 -11.96 -16.95 6.81
C ALA D 37 -12.00 -18.35 7.43
N LEU D 38 -10.84 -19.00 7.45
CA LEU D 38 -10.73 -20.34 8.02
C LEU D 38 -11.02 -20.39 9.53
N GLU D 39 -10.67 -19.33 10.26
CA GLU D 39 -11.01 -19.24 11.69
C GLU D 39 -12.52 -19.32 11.89
N ARG D 40 -13.28 -18.70 10.97
CA ARG D 40 -14.74 -18.77 11.00
C ARG D 40 -15.28 -20.11 10.49
N LEU D 41 -14.74 -20.61 9.37
CA LEU D 41 -15.14 -21.91 8.84
C LEU D 41 -14.99 -23.05 9.86
N ARG D 42 -13.95 -22.96 10.70
CA ARG D 42 -13.70 -24.01 11.70
C ARG D 42 -14.34 -23.72 13.06
N ALA D 43 -15.20 -22.71 13.09
CA ALA D 43 -15.90 -22.36 14.33
C ALA D 43 -16.81 -23.49 14.80
N GLY D 44 -17.06 -24.49 13.96
CA GLY D 44 -17.87 -25.65 14.39
C GLY D 44 -19.27 -25.79 13.77
N ASN D 45 -19.69 -24.82 12.98
CA ASN D 45 -20.99 -24.91 12.34
C ASN D 45 -20.99 -25.76 11.07
N ILE D 46 -19.84 -25.92 10.44
CA ILE D 46 -19.70 -26.82 9.30
C ILE D 46 -19.42 -28.22 9.83
N ARG D 47 -20.48 -29.01 9.96
CA ARG D 47 -20.40 -30.38 10.45
C ARG D 47 -21.56 -31.20 9.86
N GLY D 48 -21.54 -32.52 10.06
CA GLY D 48 -22.64 -33.41 9.64
C GLY D 48 -22.82 -33.49 8.13
N ASP D 49 -24.06 -33.27 7.65
CA ASP D 49 -24.37 -33.28 6.23
C ASP D 49 -24.32 -31.87 5.67
N VAL D 50 -23.38 -31.62 4.77
CA VAL D 50 -23.13 -30.26 4.31
C VAL D 50 -23.39 -30.10 2.83
N LEU D 51 -24.11 -29.03 2.50
CA LEU D 51 -24.39 -28.64 1.15
C LEU D 51 -23.50 -27.48 0.77
N GLU D 52 -22.72 -27.63 -0.30
CA GLU D 52 -21.98 -26.50 -0.85
C GLU D 52 -22.58 -26.02 -2.17
N LEU D 53 -22.69 -24.70 -2.31
CA LEU D 53 -23.20 -24.08 -3.50
C LEU D 53 -22.08 -23.40 -4.28
N ALA D 54 -22.09 -23.60 -5.61
CA ALA D 54 -21.10 -23.04 -6.52
C ALA D 54 -19.69 -23.43 -6.13
N SER D 55 -19.45 -24.73 -6.01
CA SER D 55 -18.18 -25.29 -5.53
C SER D 55 -16.98 -25.10 -6.45
N GLY D 56 -17.23 -24.81 -7.73
CA GLY D 56 -16.13 -24.57 -8.68
C GLY D 56 -15.10 -25.67 -8.73
N THR D 57 -13.83 -25.27 -8.73
CA THR D 57 -12.74 -26.24 -8.72
C THR D 57 -12.53 -26.93 -7.37
N GLY D 58 -13.29 -26.50 -6.36
CA GLY D 58 -13.36 -27.25 -5.12
C GLY D 58 -12.36 -26.79 -4.07
N TYR D 59 -11.99 -25.52 -4.12
CA TYR D 59 -11.06 -24.97 -3.15
C TYR D 59 -11.65 -25.02 -1.74
N TRP D 60 -12.91 -24.65 -1.60
CA TRP D 60 -13.58 -24.75 -0.30
C TRP D 60 -14.04 -26.15 -0.01
N THR D 61 -14.35 -26.91 -1.07
CA THR D 61 -14.88 -28.29 -0.93
C THR D 61 -13.93 -29.19 -0.18
N ARG D 62 -12.62 -29.01 -0.40
CA ARG D 62 -11.57 -29.72 0.34
C ARG D 62 -11.69 -29.48 1.83
N HIS D 63 -11.85 -28.21 2.23
CA HIS D 63 -12.01 -27.87 3.64
C HIS D 63 -13.29 -28.48 4.23
N LEU D 64 -14.41 -28.31 3.52
CA LEU D 64 -15.68 -28.86 3.97
C LEU D 64 -15.61 -30.38 4.12
N SER D 65 -14.93 -31.01 3.16
CA SER D 65 -14.74 -32.47 3.16
C SER D 65 -14.04 -32.92 4.43
N GLY D 66 -13.01 -32.17 4.81
CA GLY D 66 -12.34 -32.37 6.09
C GLY D 66 -13.19 -32.16 7.33
N LEU D 67 -14.26 -31.36 7.27
CA LEU D 67 -15.04 -31.02 8.47
C LEU D 67 -16.38 -31.76 8.57
N ALA D 68 -16.93 -32.13 7.43
CA ALA D 68 -18.28 -32.68 7.36
C ALA D 68 -18.21 -34.19 7.37
N ASP D 69 -19.35 -34.83 7.64
CA ASP D 69 -19.46 -36.25 7.36
C ASP D 69 -19.61 -36.49 5.85
N ARG D 70 -20.57 -35.81 5.23
CA ARG D 70 -20.79 -35.90 3.78
C ARG D 70 -21.00 -34.52 3.20
N VAL D 71 -20.46 -34.29 2.02
CA VAL D 71 -20.75 -33.05 1.29
C VAL D 71 -21.52 -33.31 -0.02
N THR D 72 -22.56 -32.53 -0.22
CA THR D 72 -23.24 -32.43 -1.50
C THR D 72 -22.80 -31.10 -2.10
N ALA D 73 -22.06 -31.16 -3.21
CA ALA D 73 -21.52 -29.96 -3.85
C ALA D 73 -22.22 -29.66 -5.19
N LEU D 74 -22.86 -28.50 -5.31
CA LEU D 74 -23.57 -28.14 -6.54
C LEU D 74 -22.81 -27.08 -7.33
N ASP D 75 -22.73 -27.27 -8.64
CA ASP D 75 -22.22 -26.23 -9.52
C ASP D 75 -22.95 -26.23 -10.88
N GLY D 76 -23.04 -25.06 -11.50
CA GLY D 76 -23.62 -24.95 -12.84
C GLY D 76 -22.78 -25.55 -13.97
N SER D 77 -21.47 -25.61 -13.77
CA SER D 77 -20.53 -26.05 -14.80
C SER D 77 -20.02 -27.46 -14.52
N ALA D 78 -20.35 -28.39 -15.42
CA ALA D 78 -19.87 -29.78 -15.36
C ALA D 78 -18.35 -29.84 -15.48
N GLU D 79 -17.78 -28.87 -16.19
CA GLU D 79 -16.34 -28.69 -16.30
C GLU D 79 -15.71 -28.34 -14.95
N MET D 80 -16.35 -27.44 -14.19
CA MET D 80 -15.90 -27.15 -12.82
C MET D 80 -15.91 -28.44 -11.99
N ILE D 81 -16.99 -29.21 -12.12
CA ILE D 81 -17.17 -30.48 -11.40
C ILE D 81 -16.05 -31.47 -11.71
N ALA D 82 -15.75 -31.64 -13.00
CA ALA D 82 -14.61 -32.47 -13.41
C ALA D 82 -13.28 -31.99 -12.80
N GLU D 83 -13.02 -30.69 -12.77
CA GLU D 83 -11.82 -30.18 -12.08
C GLU D 83 -11.82 -30.58 -10.60
N ALA D 84 -12.95 -30.37 -9.93
CA ALA D 84 -13.08 -30.63 -8.51
C ALA D 84 -12.88 -32.10 -8.18
N GLY D 85 -13.26 -32.97 -9.12
CA GLY D 85 -13.10 -34.41 -8.97
C GLY D 85 -11.66 -34.84 -8.78
N ARG D 86 -10.71 -34.02 -9.23
CA ARG D 86 -9.31 -34.40 -9.19
C ARG D 86 -8.70 -34.34 -7.78
N HIS D 87 -9.42 -33.72 -6.83
CA HIS D 87 -9.02 -33.72 -5.42
C HIS D 87 -9.31 -35.09 -4.79
N GLY D 88 -10.17 -35.88 -5.44
CA GLY D 88 -10.47 -37.24 -4.99
C GLY D 88 -11.06 -37.35 -3.60
N LEU D 89 -12.04 -36.50 -3.30
CA LEU D 89 -12.63 -36.45 -1.97
C LEU D 89 -13.73 -37.49 -1.78
N ASP D 90 -13.42 -38.52 -0.98
CA ASP D 90 -14.31 -39.66 -0.72
C ASP D 90 -15.73 -39.32 -0.30
N ASN D 91 -15.90 -38.25 0.48
CA ASN D 91 -17.20 -37.96 1.09
C ASN D 91 -17.99 -36.86 0.37
N VAL D 92 -17.62 -36.59 -0.88
CA VAL D 92 -18.31 -35.56 -1.65
C VAL D 92 -19.06 -36.13 -2.86
N GLU D 93 -20.34 -35.79 -2.96
CA GLU D 93 -21.09 -35.97 -4.19
C GLU D 93 -21.23 -34.65 -4.92
N PHE D 94 -20.93 -34.66 -6.21
CA PHE D 94 -21.21 -33.51 -7.05
C PHE D 94 -22.52 -33.66 -7.83
N ARG D 95 -23.19 -32.54 -8.06
CA ARG D 95 -24.36 -32.50 -8.93
C ARG D 95 -24.31 -31.21 -9.71
N GLN D 96 -24.65 -31.28 -10.99
CA GLN D 96 -24.75 -30.08 -11.81
C GLN D 96 -26.08 -29.42 -11.54
N GLN D 97 -26.11 -28.10 -11.37
CA GLN D 97 -27.34 -27.39 -11.04
C GLN D 97 -27.28 -25.91 -11.35
N ASP D 98 -28.28 -25.43 -12.12
CA ASP D 98 -28.49 -24.00 -12.28
C ASP D 98 -29.09 -23.49 -10.98
N LEU D 99 -28.35 -22.63 -10.28
CA LEU D 99 -28.78 -22.15 -8.96
C LEU D 99 -29.83 -21.04 -9.03
N PHE D 100 -29.95 -20.44 -10.21
CA PHE D 100 -31.03 -19.50 -10.48
C PHE D 100 -32.34 -20.21 -10.86
N ASP D 101 -32.29 -21.53 -10.95
CA ASP D 101 -33.50 -22.35 -11.19
C ASP D 101 -33.42 -23.61 -10.34
N TRP D 102 -33.54 -23.44 -9.02
CA TRP D 102 -33.25 -24.53 -8.11
C TRP D 102 -34.22 -24.52 -6.93
N THR D 103 -34.72 -25.71 -6.60
CA THR D 103 -35.60 -25.93 -5.46
C THR D 103 -35.09 -27.16 -4.75
N PRO D 104 -34.55 -27.02 -3.52
CA PRO D 104 -34.07 -28.21 -2.85
C PRO D 104 -35.21 -29.17 -2.55
N ASP D 105 -34.87 -30.45 -2.43
CA ASP D 105 -35.84 -31.50 -2.13
C ASP D 105 -35.59 -32.10 -0.74
N ARG D 106 -34.34 -32.11 -0.30
CA ARG D 106 -33.98 -32.50 1.08
C ARG D 106 -33.40 -31.32 1.90
N GLN D 107 -32.88 -31.65 3.08
CA GLN D 107 -32.32 -30.66 3.98
C GLN D 107 -30.96 -31.10 4.53
N TRP D 108 -30.14 -30.11 4.91
CA TRP D 108 -28.77 -30.34 5.34
C TRP D 108 -28.45 -29.58 6.63
N ASP D 109 -27.46 -30.06 7.37
CA ASP D 109 -27.06 -29.43 8.64
C ASP D 109 -26.44 -28.05 8.48
N ALA D 110 -25.75 -27.82 7.37
CA ALA D 110 -25.16 -26.53 7.06
C ALA D 110 -25.11 -26.29 5.55
N VAL D 111 -25.24 -25.03 5.14
CA VAL D 111 -25.08 -24.67 3.75
C VAL D 111 -23.90 -23.69 3.65
N PHE D 112 -23.02 -23.91 2.66
CA PHE D 112 -21.86 -23.05 2.47
C PHE D 112 -21.68 -22.61 1.02
N PHE D 113 -21.29 -21.36 0.83
CA PHE D 113 -20.80 -20.91 -0.48
C PHE D 113 -19.80 -19.80 -0.37
N ALA D 114 -18.80 -19.86 -1.22
CA ALA D 114 -17.77 -18.85 -1.28
C ALA D 114 -17.80 -18.21 -2.65
N HIS D 115 -17.80 -16.88 -2.65
CA HIS D 115 -17.73 -16.10 -3.87
C HIS D 115 -18.81 -16.45 -4.85
N TRP D 116 -19.99 -16.67 -4.30
CA TRP D 116 -21.17 -16.92 -5.11
C TRP D 116 -22.13 -15.70 -5.07
N LEU D 117 -22.46 -15.25 -3.85
CA LEU D 117 -23.48 -14.24 -3.67
C LEU D 117 -23.27 -12.96 -4.51
N ALA D 118 -22.04 -12.53 -4.66
CA ALA D 118 -21.72 -11.37 -5.46
C ALA D 118 -22.05 -11.57 -6.94
N HIS D 119 -22.39 -12.79 -7.31
CA HIS D 119 -22.76 -13.16 -8.68
C HIS D 119 -24.27 -13.37 -8.79
N VAL D 120 -24.97 -12.98 -7.74
CA VAL D 120 -26.43 -13.04 -7.71
C VAL D 120 -26.92 -11.60 -7.75
N PRO D 121 -27.58 -11.20 -8.86
CA PRO D 121 -28.04 -9.80 -8.97
C PRO D 121 -29.25 -9.54 -8.06
N ASP D 122 -29.41 -8.28 -7.65
CA ASP D 122 -30.42 -7.90 -6.65
C ASP D 122 -31.80 -8.41 -7.00
N ASP D 123 -32.13 -8.43 -8.28
CA ASP D 123 -33.44 -8.92 -8.70
C ASP D 123 -33.61 -10.46 -8.60
N ARG D 124 -32.52 -11.19 -8.31
CA ARG D 124 -32.57 -12.64 -8.10
C ARG D 124 -32.30 -13.04 -6.64
N PHE D 125 -31.82 -12.06 -5.88
CA PHE D 125 -31.44 -12.23 -4.48
C PHE D 125 -32.46 -13.02 -3.65
N GLU D 126 -33.69 -12.51 -3.63
CA GLU D 126 -34.71 -13.05 -2.73
C GLU D 126 -35.06 -14.51 -3.03
N ALA D 127 -35.25 -14.82 -4.31
CA ALA D 127 -35.62 -16.19 -4.70
C ALA D 127 -34.50 -17.22 -4.42
N PHE D 128 -33.25 -16.81 -4.67
CA PHE D 128 -32.10 -17.64 -4.27
C PHE D 128 -32.19 -17.95 -2.77
N TRP D 129 -32.42 -16.91 -1.98
CA TRP D 129 -32.47 -17.06 -0.54
C TRP D 129 -33.67 -17.82 -0.02
N GLU D 130 -34.79 -17.84 -0.78
CA GLU D 130 -35.91 -18.71 -0.40
C GLU D 130 -35.57 -20.17 -0.59
N SER D 131 -34.93 -20.51 -1.71
CA SER D 131 -34.43 -21.87 -1.90
C SER D 131 -33.38 -22.26 -0.85
N VAL D 132 -32.43 -21.37 -0.55
CA VAL D 132 -31.47 -21.64 0.54
C VAL D 132 -32.22 -21.96 1.86
N ARG D 133 -33.21 -21.14 2.21
CA ARG D 133 -34.03 -21.39 3.43
C ARG D 133 -34.53 -22.83 3.52
N SER D 134 -35.19 -23.32 2.47
CA SER D 134 -35.75 -24.69 2.46
C SER D 134 -34.71 -25.78 2.58
N ALA D 135 -33.48 -25.45 2.21
CA ALA D 135 -32.36 -26.41 2.26
C ALA D 135 -31.82 -26.62 3.68
N VAL D 136 -32.04 -25.65 4.57
CA VAL D 136 -31.49 -25.67 5.93
C VAL D 136 -32.32 -26.53 6.90
N ALA D 137 -31.73 -27.59 7.44
CA ALA D 137 -32.36 -28.44 8.44
C ALA D 137 -32.55 -27.68 9.75
N PRO D 138 -33.51 -28.12 10.60
CA PRO D 138 -33.65 -27.46 11.92
C PRO D 138 -32.35 -27.43 12.73
N GLY D 139 -32.02 -26.27 13.28
CA GLY D 139 -30.78 -26.10 14.05
C GLY D 139 -29.55 -25.85 13.19
N GLY D 140 -29.78 -25.65 11.89
CA GLY D 140 -28.73 -25.53 10.92
C GLY D 140 -28.39 -24.09 10.61
N VAL D 141 -27.36 -23.91 9.82
CA VAL D 141 -26.77 -22.60 9.62
C VAL D 141 -26.43 -22.44 8.14
N VAL D 142 -26.48 -21.20 7.67
CA VAL D 142 -25.89 -20.90 6.39
C VAL D 142 -24.62 -20.06 6.64
N GLU D 143 -23.52 -20.46 5.99
CA GLU D 143 -22.28 -19.68 6.06
C GLU D 143 -21.75 -19.37 4.66
N PHE D 144 -21.22 -18.16 4.49
CA PHE D 144 -20.62 -17.79 3.23
C PHE D 144 -19.50 -16.78 3.32
N VAL D 145 -18.64 -16.83 2.31
CA VAL D 145 -17.53 -15.93 2.12
C VAL D 145 -17.76 -15.15 0.85
N ASP D 146 -17.40 -13.86 0.87
CA ASP D 146 -17.46 -13.04 -0.33
C ASP D 146 -16.59 -11.79 -0.22
N VAL D 147 -16.44 -11.07 -1.33
CA VAL D 147 -15.77 -9.76 -1.31
C VAL D 147 -16.65 -8.77 -0.55
N THR D 148 -16.06 -7.69 -0.04
CA THR D 148 -16.89 -6.64 0.59
C THR D 148 -16.35 -5.20 0.43
N ASP D 149 -17.13 -4.21 0.84
CA ASP D 149 -16.72 -2.79 0.88
C ASP D 149 -16.82 -2.27 2.32
N HIS D 150 -16.12 -1.16 2.60
CA HIS D 150 -16.31 -0.50 3.88
C HIS D 150 -17.68 0.16 3.83
N GLU D 151 -18.31 0.32 4.99
CA GLU D 151 -19.72 0.73 5.08
C GLU D 151 -20.09 1.97 4.22
N ARG D 152 -19.19 2.94 4.22
CA ARG D 152 -19.44 4.27 3.73
C ARG D 152 -19.26 4.44 2.24
N ARG D 153 -18.63 3.50 1.57
CA ARG D 153 -18.31 3.67 0.15
C ARG D 153 -19.57 3.86 -0.69
N LEU D 154 -20.56 2.99 -0.48
CA LEU D 154 -21.84 3.03 -1.20
C LEU D 154 -22.42 4.46 -1.15
N GLU D 155 -22.42 5.08 0.03
CA GLU D 155 -22.93 6.43 0.18
C GLU D 155 -22.03 7.50 -0.42
N GLN D 156 -20.72 7.30 -0.36
CA GLN D 156 -19.84 8.27 -1.01
C GLN D 156 -20.04 8.27 -2.52
N GLN D 157 -20.30 7.09 -3.07
CA GLN D 157 -20.48 6.93 -4.48
C GLN D 157 -21.88 7.48 -4.88
N ASP D 158 -22.90 7.14 -4.08
CA ASP D 158 -24.26 7.66 -4.24
C ASP D 158 -24.79 7.41 -5.67
N ASP D 159 -24.87 6.14 -6.05
CA ASP D 159 -25.29 5.75 -7.39
C ASP D 159 -26.70 5.14 -7.34
N SER D 160 -27.67 5.79 -7.99
CA SER D 160 -29.06 5.28 -8.00
C SER D 160 -29.30 4.14 -8.99
N GLU D 161 -28.46 4.00 -10.01
CA GLU D 161 -28.57 2.83 -10.89
C GLU D 161 -27.22 2.10 -10.97
N PRO D 162 -26.84 1.36 -9.88
CA PRO D 162 -25.55 0.65 -9.93
C PRO D 162 -25.51 -0.36 -11.07
N GLU D 163 -24.47 -0.26 -11.90
CA GLU D 163 -24.23 -1.21 -12.98
C GLU D 163 -23.62 -2.45 -12.35
N VAL D 164 -24.32 -3.57 -12.43
CA VAL D 164 -23.84 -4.80 -11.79
C VAL D 164 -22.73 -5.51 -12.59
N ALA D 165 -22.65 -5.24 -13.90
CA ALA D 165 -21.81 -6.00 -14.83
C ALA D 165 -20.33 -5.61 -14.87
N VAL D 166 -19.49 -6.60 -15.09
CA VAL D 166 -18.05 -6.42 -15.15
C VAL D 166 -17.56 -7.25 -16.35
N ARG D 167 -16.71 -6.65 -17.19
CA ARG D 167 -16.11 -7.40 -18.33
C ARG D 167 -14.82 -8.10 -17.94
N ARG D 168 -14.83 -9.42 -18.15
CA ARG D 168 -13.67 -10.27 -17.92
C ARG D 168 -13.28 -10.89 -19.25
N THR D 169 -11.99 -11.08 -19.44
CA THR D 169 -11.51 -11.63 -20.69
C THR D 169 -10.44 -12.69 -20.46
N LEU D 170 -10.72 -13.92 -20.92
CA LEU D 170 -9.74 -15.01 -20.83
C LEU D 170 -8.51 -14.71 -21.70
N GLN D 171 -7.45 -15.48 -21.52
CA GLN D 171 -6.22 -15.31 -22.30
C GLN D 171 -6.33 -15.82 -23.76
N ASP D 172 -7.38 -16.57 -24.07
CA ASP D 172 -7.62 -16.97 -25.47
C ASP D 172 -8.32 -15.86 -26.26
N GLY D 173 -8.83 -14.87 -25.55
CA GLY D 173 -9.38 -13.66 -26.19
C GLY D 173 -10.89 -13.49 -26.19
N ARG D 174 -11.62 -14.55 -25.90
CA ARG D 174 -13.08 -14.41 -25.77
C ARG D 174 -13.43 -13.75 -24.43
N SER D 175 -14.37 -12.82 -24.51
CA SER D 175 -14.66 -11.88 -23.44
C SER D 175 -16.07 -12.13 -22.94
N PHE D 176 -16.27 -11.84 -21.65
CA PHE D 176 -17.54 -12.09 -21.00
C PHE D 176 -17.88 -10.97 -20.01
N ARG D 177 -19.18 -10.72 -19.87
CA ARG D 177 -19.71 -9.86 -18.81
C ARG D 177 -20.32 -10.70 -17.69
N ILE D 178 -19.94 -10.40 -16.46
CA ILE D 178 -20.47 -11.14 -15.29
C ILE D 178 -21.12 -10.18 -14.29
N VAL D 179 -21.88 -10.75 -13.34
CA VAL D 179 -22.41 -10.00 -12.20
C VAL D 179 -21.29 -9.84 -11.17
N LYS D 180 -21.15 -8.63 -10.62
CA LYS D 180 -20.19 -8.38 -9.56
C LYS D 180 -20.70 -7.28 -8.62
N VAL D 181 -21.50 -7.69 -7.63
CA VAL D 181 -22.10 -6.79 -6.63
C VAL D 181 -21.38 -6.85 -5.26
N PHE D 182 -20.57 -5.83 -5.00
CA PHE D 182 -19.92 -5.65 -3.71
C PHE D 182 -20.97 -5.18 -2.69
N ARG D 183 -21.21 -5.99 -1.66
CA ARG D 183 -22.14 -5.63 -0.58
C ARG D 183 -21.43 -5.59 0.78
N SER D 184 -21.73 -4.54 1.53
CA SER D 184 -21.09 -4.36 2.84
C SER D 184 -21.74 -5.31 3.86
N PRO D 185 -21.06 -5.60 4.98
CA PRO D 185 -21.73 -6.37 6.03
C PRO D 185 -23.07 -5.74 6.44
N ALA D 186 -23.08 -4.42 6.68
CA ALA D 186 -24.33 -3.70 7.06
C ALA D 186 -25.44 -3.90 6.05
N GLU D 187 -25.14 -3.73 4.77
CA GLU D 187 -26.16 -3.92 3.71
C GLU D 187 -26.74 -5.33 3.69
N LEU D 188 -25.89 -6.36 3.74
CA LEU D 188 -26.37 -7.75 3.72
C LEU D 188 -27.19 -8.08 4.97
N THR D 189 -26.77 -7.54 6.11
CA THR D 189 -27.50 -7.77 7.36
C THR D 189 -28.90 -7.17 7.25
N GLU D 190 -28.99 -5.88 6.90
CA GLU D 190 -30.28 -5.23 6.66
C GLU D 190 -31.14 -6.10 5.75
N ARG D 191 -30.61 -6.42 4.57
CA ARG D 191 -31.42 -7.09 3.56
C ARG D 191 -31.86 -8.51 3.95
N LEU D 192 -31.01 -9.26 4.64
CA LEU D 192 -31.37 -10.62 5.06
C LEU D 192 -32.21 -10.64 6.33
N THR D 193 -32.01 -9.65 7.20
CA THR D 193 -32.90 -9.49 8.35
C THR D 193 -34.34 -9.28 7.85
N ALA D 194 -34.53 -8.34 6.92
CA ALA D 194 -35.84 -8.12 6.29
C ALA D 194 -36.46 -9.40 5.71
N LEU D 195 -35.62 -10.29 5.17
CA LEU D 195 -36.06 -11.62 4.70
C LEU D 195 -36.19 -12.65 5.81
N GLY D 196 -36.08 -12.22 7.08
CA GLY D 196 -36.23 -13.12 8.25
C GLY D 196 -35.04 -13.91 8.79
N TRP D 197 -33.82 -13.64 8.31
CA TRP D 197 -32.61 -14.31 8.81
C TRP D 197 -31.99 -13.51 9.97
N SER D 198 -31.41 -14.21 10.93
CA SER D 198 -30.47 -13.50 11.84
C SER D 198 -29.01 -13.79 11.47
N CYS D 199 -28.29 -12.70 11.25
CA CYS D 199 -27.02 -12.71 10.55
C CYS D 199 -25.88 -12.08 11.36
N SER D 200 -24.73 -12.74 11.32
CA SER D 200 -23.49 -12.18 11.83
C SER D 200 -22.56 -12.14 10.64
N VAL D 201 -22.36 -10.93 10.14
CA VAL D 201 -21.63 -10.72 8.92
C VAL D 201 -20.48 -9.81 9.26
N ASP D 202 -19.26 -10.23 8.95
CA ASP D 202 -18.11 -9.51 9.41
C ASP D 202 -17.07 -9.42 8.32
N GLU D 203 -16.44 -8.26 8.24
CA GLU D 203 -15.25 -8.12 7.43
C GLU D 203 -14.11 -8.78 8.18
N VAL D 204 -13.63 -9.92 7.67
CA VAL D 204 -12.61 -10.70 8.37
C VAL D 204 -11.20 -10.37 7.90
N HIS D 205 -11.11 -9.76 6.72
CA HIS D 205 -9.86 -9.32 6.14
C HIS D 205 -10.23 -8.20 5.18
N PRO D 206 -9.36 -7.19 5.02
CA PRO D 206 -9.76 -6.09 4.15
C PRO D 206 -10.25 -6.60 2.80
N GLY D 207 -11.43 -6.15 2.38
CA GLY D 207 -12.04 -6.58 1.13
C GLY D 207 -12.89 -7.86 1.20
N PHE D 208 -12.89 -8.55 2.34
CA PHE D 208 -13.56 -9.86 2.41
C PHE D 208 -14.50 -10.00 3.57
N LEU D 209 -15.59 -10.71 3.37
CA LEU D 209 -16.49 -10.94 4.46
C LEU D 209 -16.75 -12.41 4.73
N TYR D 210 -17.21 -12.70 5.93
CA TYR D 210 -17.66 -14.02 6.30
C TYR D 210 -19.02 -13.83 6.97
N ALA D 211 -19.98 -14.67 6.64
CA ALA D 211 -21.34 -14.58 7.21
C ALA D 211 -21.82 -15.89 7.80
N THR D 212 -22.51 -15.78 8.94
CA THR D 212 -23.27 -16.89 9.51
C THR D 212 -24.73 -16.46 9.63
N CYS D 213 -25.62 -17.23 9.01
CA CYS D 213 -27.01 -16.83 8.92
C CYS D 213 -27.89 -17.95 9.42
N ARG D 214 -28.81 -17.58 10.29
CA ARG D 214 -29.74 -18.50 10.89
C ARG D 214 -31.16 -18.18 10.39
N PRO D 215 -31.87 -19.21 9.90
CA PRO D 215 -33.13 -19.01 9.19
C PRO D 215 -34.29 -18.54 10.08
N SAM E . -16.99 23.19 -3.29
CA SAM E . -16.91 21.77 -3.49
C SAM E . -15.61 21.31 -2.94
O SAM E . -14.60 21.80 -3.46
OXT SAM E . -15.58 20.49 -2.01
CB SAM E . -16.93 21.41 -4.96
CG SAM E . -18.23 20.76 -5.38
SD SAM E . -17.83 19.24 -6.24
CE SAM E . -18.94 17.94 -5.64
C5' SAM E . -18.03 19.55 -8.03
C4' SAM E . -17.74 20.99 -8.45
O4' SAM E . -17.11 20.96 -9.72
C3' SAM E . -19.02 21.80 -8.63
O3' SAM E . -18.90 23.05 -7.97
C2' SAM E . -19.17 21.96 -10.15
O2' SAM E . -19.66 23.23 -10.51
C1' SAM E . -17.73 21.86 -10.62
N9 SAM E . -17.63 21.36 -11.99
C8 SAM E . -18.23 20.25 -12.55
N7 SAM E . -17.84 20.15 -13.84
C5 SAM E . -17.00 21.21 -14.10
C6 SAM E . -16.31 21.62 -15.23
N6 SAM E . -16.39 20.94 -16.38
N1 SAM E . -15.51 22.72 -15.15
C2 SAM E . -15.38 23.44 -14.00
N3 SAM E . -16.08 23.06 -12.88
C4 SAM E . -16.87 21.95 -12.94
S SO4 F . -19.63 14.17 -5.13
O1 SO4 F . -20.72 14.96 -5.70
O2 SO4 F . -19.54 12.89 -5.87
O3 SO4 F . -18.38 14.89 -5.27
O4 SO4 F . -19.97 13.88 -3.74
N SAM G . 17.35 22.03 4.17
CA SAM G . 16.45 20.98 3.82
C SAM G . 15.47 20.86 4.94
O SAM G . 15.84 21.40 6.00
OXT SAM G . 14.40 20.23 4.80
CB SAM G . 17.32 19.77 3.89
CG SAM G . 18.13 19.62 2.63
SD SAM G . 19.15 18.27 3.14
CE SAM G . 18.47 17.06 1.99
C5' SAM G . 20.83 18.75 2.75
C4' SAM G . 21.08 20.20 3.11
O4' SAM G . 22.31 20.22 3.79
C3' SAM G . 21.21 21.06 1.85
O3' SAM G . 20.48 22.26 1.95
C2' SAM G . 22.71 21.29 1.74
O2' SAM G . 23.02 22.53 1.19
C1' SAM G . 23.17 21.14 3.18
N9 SAM G . 24.56 20.68 3.26
C8 SAM G . 25.12 19.62 2.61
N7 SAM G . 26.40 19.57 2.97
C5 SAM G . 26.67 20.58 3.83
C6 SAM G . 27.82 20.97 4.49
N6 SAM G . 28.97 20.31 4.34
N1 SAM G . 27.77 22.06 5.32
C2 SAM G . 26.59 22.75 5.51
N3 SAM G . 25.46 22.36 4.83
C4 SAM G . 25.50 21.29 4.02
S SO4 H . 17.56 13.57 1.19
O1 SO4 H . 18.08 14.44 0.12
O2 SO4 H . 18.35 12.33 1.18
O3 SO4 H . 17.68 14.17 2.52
O4 SO4 H . 16.14 13.31 0.96
N SAM I . 17.17 -22.96 4.53
CA SAM I . 16.78 -21.91 5.42
C SAM I . 15.30 -21.81 5.40
O SAM I . 14.74 -22.42 4.48
OXT SAM I . 14.71 -21.07 6.26
CB SAM I . 17.31 -20.65 4.82
CG SAM I . 18.80 -20.65 4.89
SD SAM I . 19.14 -19.16 4.01
CE SAM I . 19.76 -18.11 5.35
C5' SAM I . 20.39 -19.63 2.79
C4' SAM I . 20.22 -21.03 2.21
O4' SAM I . 20.41 -20.94 0.82
C3' SAM I . 21.29 -21.96 2.75
O3' SAM I . 20.76 -23.22 3.09
C2' SAM I . 22.26 -22.08 1.58
O2' SAM I . 22.93 -23.30 1.54
C1' SAM I . 21.33 -21.91 0.38
N9 SAM I . 22.05 -21.41 -0.79
C8 SAM I . 22.94 -20.37 -0.87
N7 SAM I . 23.33 -20.24 -2.14
C5 SAM I . 22.71 -21.19 -2.87
C6 SAM I . 22.76 -21.52 -4.21
N6 SAM I . 23.53 -20.83 -5.05
N1 SAM I . 21.97 -22.54 -4.68
C2 SAM I . 21.18 -23.27 -3.83
N3 SAM I . 21.14 -22.96 -2.49
C4 SAM I . 21.90 -21.93 -2.04
S SO4 J . 19.85 -14.45 6.26
O1 SO4 J . 21.08 -15.25 6.24
O2 SO4 J . 20.14 -13.14 5.68
O3 SO4 J . 18.83 -15.11 5.48
O4 SO4 J . 19.40 -14.27 7.63
N SAM K . -16.39 -21.95 -7.17
CA SAM K . -15.43 -21.08 -6.52
C SAM K . -15.46 -21.23 -5.02
O SAM K . -16.44 -21.73 -4.48
OXT SAM K . -14.49 -20.82 -4.35
CB SAM K . -15.77 -19.63 -6.80
CG SAM K . -17.20 -19.42 -7.25
SD SAM K . -17.27 -18.18 -8.56
CE SAM K . -15.60 -18.27 -9.25
C5' SAM K . -18.34 -18.90 -9.82
C4' SAM K . -18.77 -20.34 -9.60
O4' SAM K . -20.19 -20.38 -9.62
C3' SAM K . -18.26 -21.18 -10.76
O3' SAM K . -17.77 -22.42 -10.28
C2' SAM K . -19.48 -21.35 -11.66
O2' SAM K . -19.53 -22.57 -12.37
C1' SAM K . -20.64 -21.23 -10.67
N9 SAM K . -21.84 -20.71 -11.33
C8 SAM K . -21.91 -19.61 -12.15
N7 SAM K . -23.18 -19.45 -12.56
C5 SAM K . -23.93 -20.43 -12.02
C6 SAM K . -25.28 -20.71 -12.14
N6 SAM K . -26.04 -19.91 -12.87
N1 SAM K . -25.79 -21.79 -11.46
C2 SAM K . -24.97 -22.59 -10.69
N3 SAM K . -23.62 -22.31 -10.61
C4 SAM K . -23.11 -21.23 -11.25
S SO4 L . -14.76 -13.59 -9.08
O1 SO4 L . -14.66 -14.45 -10.26
O2 SO4 L . -15.42 -12.30 -9.37
O3 SO4 L . -15.55 -14.25 -8.03
O4 SO4 L . -13.38 -13.28 -8.64
#